data_1UZ8
#
_entry.id   1UZ8
#
_cell.length_a   45.104
_cell.length_b   60.778
_cell.length_c   91.556
_cell.angle_alpha   95.98
_cell.angle_beta   95.41
_cell.angle_gamma   101.71
#
_symmetry.space_group_name_H-M   'P 1'
#
loop_
_entity.id
_entity.type
_entity.pdbx_description
1 polymer 'IGG FAB (IGG3, KAPPA) LIGHT CHAIN 291-2G3-A'
2 polymer 'IGG FAB (IGG3, KAPPA) HEAVY CHAIN 291-2G3-A'
3 branched 'alpha-L-fucopyranose-(1-3)-[beta-D-galactopyranose-(1-4)]methyl 2-acetamido-2-deoxy-beta-D-glucopyranoside'
4 water water
#
loop_
_entity_poly.entity_id
_entity_poly.type
_entity_poly.pdbx_seq_one_letter_code
_entity_poly.pdbx_strand_id
1 'polypeptide(L)'
;DIVMTQAAFSNPVTLGTSASISCRSSKSLLYSNGITYLYWYLQKPGQSPQLLIYQMSNLASGVPDRFSSSGSGTDFTLRI
SRVEAEDVGVYYCAQNLEVPWTFGGGTKLEIKRADAAPTVSIFPPSSEQLTSGGASVVCFLNNFYPKDINVKWKIDGSER
QNGVLNSWTDQDSKDSTYSMSSTLTLTKDEYERHNSYTCEATHKTSTSPIVKSFNRNE
;
A,L
2 'polypeptide(L)'
;EVKLLESGGGLVQPGGSQKLSCAASGFDFSGYWMSWVRQAPGKGLEWIGEINPDSSTINYTPSLKDKFIISRDNAKNTLY
LQMSKVRSEDTALYYCARETGTRFDYWGQGTTLTVSSATTTAPSVYPLVPGGSSVTLGCLVKGYFPEPVTVKWNYGALSS
GVRTVSSVLQSGFYSLSSLVTVPSSTWPSQTVICNVAHPASKTELIKRIEPR
;
B,H
#
loop_
_chem_comp.id
_chem_comp.type
_chem_comp.name
_chem_comp.formula
FUC L-saccharide, alpha linking alpha-L-fucopyranose 'C6 H12 O5'
GAL D-saccharide, beta linking beta-D-galactopyranose 'C6 H12 O6'
MAG D-saccharide 'methyl 2-acetamido-2-deoxy-beta-D-glucopyranoside' 'C9 H17 N O6'
#
# COMPACT_ATOMS: atom_id res chain seq x y z
N ASP A 1 12.81 14.63 1.09
CA ASP A 1 12.23 13.80 2.18
C ASP A 1 11.32 14.64 3.08
N ILE A 2 10.38 13.96 3.75
CA ILE A 2 9.42 14.63 4.62
C ILE A 2 10.01 14.90 6.00
N VAL A 3 9.83 16.13 6.49
CA VAL A 3 10.34 16.53 7.79
C VAL A 3 9.26 16.51 8.86
N MET A 4 9.52 15.80 9.94
CA MET A 4 8.60 15.74 11.08
C MET A 4 9.13 16.66 12.19
N THR A 5 8.31 17.62 12.60
CA THR A 5 8.72 18.60 13.60
C THR A 5 7.96 18.45 14.92
N GLN A 6 8.72 18.31 16.01
CA GLN A 6 8.12 18.29 17.33
C GLN A 6 9.03 18.94 18.38
N ALA A 7 8.42 19.48 19.42
CA ALA A 7 9.14 20.17 20.48
C ALA A 7 9.86 19.18 21.38
N ALA A 8 11.04 19.57 21.86
CA ALA A 8 11.86 18.71 22.69
C ALA A 8 11.25 18.44 24.06
N PHE A 9 10.54 19.45 24.59
CA PHE A 9 10.03 19.35 25.95
C PHE A 9 8.54 19.64 26.09
N SER A 10 7.92 18.96 27.06
CA SER A 10 6.52 19.15 27.38
C SER A 10 6.38 19.95 28.67
N ASN A 11 5.17 20.44 28.93
CA ASN A 11 4.83 20.93 30.26
C ASN A 11 4.74 19.72 31.18
N PRO A 12 5.39 19.78 32.32
CA PRO A 12 5.26 18.73 33.33
C PRO A 12 3.79 18.43 33.63
N VAL A 13 3.44 17.15 33.58
CA VAL A 13 2.05 16.72 33.70
C VAL A 13 1.82 16.02 35.03
N THR A 14 0.68 16.31 35.65
CA THR A 14 0.35 15.72 36.95
C THR A 14 -0.17 14.30 36.75
N LEU A 15 0.24 13.40 37.64
CA LEU A 15 -0.24 12.03 37.60
C LEU A 15 -1.76 11.99 37.63
N GLY A 16 -2.35 11.37 36.61
CA GLY A 16 -3.80 11.20 36.55
C GLY A 16 -4.45 12.15 35.57
N THR A 17 -3.73 13.19 35.16
CA THR A 17 -4.27 14.15 34.21
C THR A 17 -3.81 13.80 32.80
N SER A 18 -4.10 14.68 31.85
CA SER A 18 -3.86 14.42 30.44
C SER A 18 -2.64 15.12 29.89
N ALA A 19 -1.87 14.40 29.09
CA ALA A 19 -0.72 14.96 28.40
C ALA A 19 -0.97 14.97 26.90
N SER A 20 -0.41 15.98 26.23
CA SER A 20 -0.49 16.04 24.78
C SER A 20 0.89 16.23 24.19
N ILE A 21 1.20 15.43 23.18
CA ILE A 21 2.44 15.57 22.42
C ILE A 21 2.08 15.97 21.00
N SER A 22 2.62 17.10 20.54
CA SER A 22 2.30 17.60 19.22
C SER A 22 3.36 17.18 18.20
N CYS A 23 2.92 17.07 16.95
CA CYS A 23 3.82 16.79 15.84
C CYS A 23 3.21 17.41 14.59
N ARG A 24 4.07 17.87 13.69
CA ARG A 24 3.65 18.40 12.40
C ARG A 24 4.55 17.85 11.29
N SER A 25 3.97 17.63 10.12
CA SER A 25 4.73 17.16 8.96
C SER A 25 4.87 18.25 7.91
N SER A 26 5.90 18.15 7.08
CA SER A 26 6.14 19.17 6.04
C SER A 26 5.23 18.97 4.83
N LYS A 27 4.71 17.75 4.69
CA LYS A 27 3.70 17.44 3.69
C LYS A 27 2.61 16.61 4.35
N SER A 28 1.41 16.63 3.78
CA SER A 28 0.31 15.82 4.32
C SER A 28 0.70 14.36 4.34
N LEU A 29 0.32 13.67 5.41
CA LEU A 29 0.59 12.24 5.55
C LEU A 29 -0.62 11.40 5.18
N LEU A 30 -1.68 12.06 4.73
CA LEU A 30 -2.87 11.38 4.26
C LEU A 30 -2.69 10.96 2.81
N TYR A 31 -2.80 9.66 2.60
CA TYR A 31 -2.66 9.04 1.30
C TYR A 31 -4.03 9.01 0.62
N SER A 32 -4.05 8.79 -0.69
CA SER A 32 -5.32 8.70 -1.42
C SER A 32 -6.16 7.48 -1.06
N ASN A 33 -5.61 6.54 -0.30
CA ASN A 33 -6.37 5.38 0.16
C ASN A 33 -7.08 5.60 1.50
N GLY A 34 -6.97 6.79 2.07
CA GLY A 34 -7.69 7.10 3.30
C GLY A 34 -6.94 6.83 4.59
N ILE A 35 -5.75 6.27 4.48
CA ILE A 35 -4.91 6.02 5.65
C ILE A 35 -3.92 7.17 5.82
N THR A 36 -3.71 7.60 7.07
CA THR A 36 -2.68 8.59 7.37
C THR A 36 -1.46 7.84 7.90
N TYR A 37 -0.32 8.06 7.26
CA TYR A 37 0.86 7.24 7.53
C TYR A 37 1.73 7.83 8.63
N LEU A 38 1.11 7.94 9.80
CA LEU A 38 1.73 8.46 11.02
C LEU A 38 1.91 7.36 12.05
N TYR A 39 3.03 7.39 12.77
CA TYR A 39 3.31 6.45 13.85
C TYR A 39 3.78 7.20 15.09
N TRP A 40 3.59 6.59 16.24
CA TRP A 40 4.14 7.10 17.50
C TRP A 40 4.96 6.03 18.20
N TYR A 41 6.20 6.38 18.53
CA TYR A 41 7.09 5.51 19.28
C TYR A 41 7.40 6.11 20.65
N LEU A 42 7.64 5.23 21.62
CA LEU A 42 8.04 5.64 22.96
C LEU A 42 9.43 5.08 23.22
N GLN A 43 10.38 5.94 23.57
CA GLN A 43 11.68 5.51 24.06
C GLN A 43 11.78 5.80 25.56
N LYS A 44 11.72 4.74 26.37
CA LYS A 44 11.85 4.88 27.82
C LYS A 44 13.32 4.95 28.22
N PRO A 45 13.60 5.59 29.35
CA PRO A 45 14.96 5.75 29.81
C PRO A 45 15.76 4.45 29.77
N GLY A 46 16.88 4.47 29.05
CA GLY A 46 17.78 3.32 28.96
C GLY A 46 17.36 2.23 28.00
N GLN A 47 16.27 2.45 27.27
CA GLN A 47 15.73 1.43 26.37
C GLN A 47 15.60 1.91 24.93
N SER A 48 15.43 0.97 24.01
CA SER A 48 15.23 1.30 22.60
C SER A 48 13.78 1.72 22.34
N PRO A 49 13.55 2.49 21.29
CA PRO A 49 12.21 2.94 20.97
C PRO A 49 11.27 1.77 20.72
N GLN A 50 10.01 1.93 21.08
CA GLN A 50 9.04 0.89 20.78
C GLN A 50 7.71 1.49 20.34
N LEU A 51 7.06 0.80 19.42
CA LEU A 51 5.86 1.31 18.76
C LEU A 51 4.69 1.46 19.71
N LEU A 52 4.05 2.63 19.67
CA LEU A 52 2.82 2.87 20.43
C LEU A 52 1.60 2.75 19.54
N ILE A 53 1.59 3.55 18.46
CA ILE A 53 0.45 3.62 17.55
C ILE A 53 0.95 3.60 16.11
N TYR A 54 0.28 2.80 15.27
CA TYR A 54 0.62 2.70 13.86
C TYR A 54 -0.51 3.15 12.92
N GLN A 55 -0.14 4.00 11.96
CA GLN A 55 -1.07 4.56 10.99
C GLN A 55 -2.28 5.24 11.64
N MET A 56 -1.99 6.00 12.69
CA MET A 56 -2.93 6.93 13.33
C MET A 56 -3.87 6.29 14.35
N SER A 57 -4.51 5.19 14.00
CA SER A 57 -5.65 4.70 14.77
C SER A 57 -5.48 3.30 15.35
N ASN A 58 -4.29 2.73 15.23
CA ASN A 58 -4.06 1.36 15.67
C ASN A 58 -3.15 1.33 16.89
N LEU A 59 -3.57 0.60 17.92
CA LEU A 59 -2.82 0.50 19.16
C LEU A 59 -1.89 -0.70 19.09
N ALA A 60 -0.60 -0.47 19.28
CA ALA A 60 0.38 -1.55 19.30
C ALA A 60 0.02 -2.52 20.42
N SER A 61 0.38 -3.79 20.25
CA SER A 61 0.07 -4.81 21.23
C SER A 61 0.44 -4.39 22.65
N GLY A 62 -0.46 -4.59 23.58
CA GLY A 62 -0.19 -4.31 24.99
C GLY A 62 -0.16 -2.84 25.37
N VAL A 63 -0.60 -1.96 24.47
CA VAL A 63 -0.73 -0.56 24.80
C VAL A 63 -2.19 -0.28 25.15
N PRO A 64 -2.43 0.40 26.28
CA PRO A 64 -3.79 0.65 26.74
C PRO A 64 -4.48 1.77 25.96
N ASP A 65 -5.80 1.84 26.08
CA ASP A 65 -6.61 2.79 25.32
C ASP A 65 -6.35 4.22 25.78
N ARG A 66 -5.51 4.36 26.80
CA ARG A 66 -5.11 5.68 27.31
C ARG A 66 -4.39 6.47 26.24
N PHE A 67 -3.80 5.76 25.28
CA PHE A 67 -3.06 6.42 24.21
C PHE A 67 -3.94 6.52 22.97
N SER A 68 -4.02 7.71 22.40
CA SER A 68 -4.80 7.93 21.19
C SER A 68 -4.17 9.03 20.35
N SER A 69 -4.27 8.88 19.03
CA SER A 69 -3.72 9.87 18.11
C SER A 69 -4.84 10.40 17.25
N SER A 70 -4.78 11.70 16.95
CA SER A 70 -5.73 12.31 16.06
C SER A 70 -5.02 13.44 15.33
N GLY A 71 -5.68 14.00 14.34
CA GLY A 71 -5.15 15.17 13.66
C GLY A 71 -5.60 15.22 12.22
N SER A 72 -5.09 16.23 11.51
CA SER A 72 -5.37 16.39 10.09
C SER A 72 -4.35 15.56 9.32
N GLY A 73 -4.06 15.96 8.09
CA GLY A 73 -3.00 15.31 7.33
C GLY A 73 -1.62 15.85 7.67
N THR A 74 -1.58 16.96 8.40
CA THR A 74 -0.32 17.67 8.65
C THR A 74 -0.06 18.06 10.11
N ASP A 75 -1.10 18.12 10.91
CA ASP A 75 -0.99 18.52 12.31
C ASP A 75 -1.56 17.41 13.18
N PHE A 76 -0.71 16.86 14.05
CA PHE A 76 -1.08 15.70 14.84
C PHE A 76 -0.78 15.90 16.32
N THR A 77 -1.59 15.25 17.15
CA THR A 77 -1.30 15.22 18.58
C THR A 77 -1.56 13.82 19.13
N LEU A 78 -0.61 13.34 19.92
CA LEU A 78 -0.81 12.16 20.73
C LEU A 78 -1.43 12.61 22.03
N ARG A 79 -2.47 11.90 22.48
CA ARG A 79 -3.09 12.19 23.75
C ARG A 79 -2.86 11.01 24.68
N ILE A 80 -2.33 11.30 25.87
CA ILE A 80 -2.14 10.27 26.89
C ILE A 80 -3.02 10.57 28.10
N SER A 81 -4.04 9.73 28.30
CA SER A 81 -5.00 9.95 29.37
C SER A 81 -4.53 9.25 30.64
N ARG A 82 -4.81 9.87 31.79
CA ARG A 82 -4.53 9.27 33.08
C ARG A 82 -3.07 8.82 33.18
N VAL A 83 -2.16 9.72 32.90
CA VAL A 83 -0.74 9.37 32.76
C VAL A 83 -0.22 8.77 34.05
N GLU A 84 0.60 7.74 33.91
CA GLU A 84 1.20 7.06 35.05
C GLU A 84 2.68 7.39 35.08
N ALA A 85 3.33 7.07 36.19
CA ALA A 85 4.74 7.41 36.36
C ALA A 85 5.61 6.72 35.33
N GLU A 86 5.20 5.52 34.92
CA GLU A 86 5.97 4.72 33.97
C GLU A 86 5.80 5.17 32.52
N ASP A 87 5.04 6.25 32.30
CA ASP A 87 4.88 6.82 30.97
C ASP A 87 6.05 7.73 30.57
N VAL A 88 6.94 8.02 31.52
CA VAL A 88 8.03 8.96 31.25
C VAL A 88 8.96 8.42 30.15
N GLY A 89 9.47 9.33 29.34
CA GLY A 89 10.30 8.96 28.20
C GLY A 89 10.20 9.96 27.06
N VAL A 90 10.75 9.60 25.92
CA VAL A 90 10.72 10.46 24.75
C VAL A 90 9.77 9.87 23.73
N TYR A 91 8.81 10.67 23.28
CA TYR A 91 7.81 10.24 22.30
C TYR A 91 8.19 10.77 20.94
N TYR A 92 8.33 9.86 19.99
CA TYR A 92 8.67 10.21 18.61
C TYR A 92 7.49 9.98 17.69
N CYS A 93 7.21 10.96 16.84
CA CYS A 93 6.36 10.72 15.69
C CYS A 93 7.23 10.26 14.54
N ALA A 94 6.61 9.64 13.55
CA ALA A 94 7.31 9.12 12.40
C ALA A 94 6.32 8.99 11.25
N GLN A 95 6.86 8.91 10.04
CA GLN A 95 6.04 8.74 8.85
C GLN A 95 6.70 7.73 7.93
N ASN A 96 5.89 7.01 7.16
CA ASN A 96 6.40 6.23 6.04
C ASN A 96 5.47 6.30 4.84
N LEU A 97 4.83 7.46 4.68
CA LEU A 97 4.11 7.78 3.46
C LEU A 97 5.09 7.69 2.29
N GLU A 98 6.28 8.23 2.49
CA GLU A 98 7.32 8.20 1.47
C GLU A 98 8.57 7.51 2.01
N VAL A 99 9.41 7.01 1.11
CA VAL A 99 10.75 6.55 1.46
C VAL A 99 11.69 7.75 1.38
N PRO A 100 12.52 7.96 2.38
CA PRO A 100 12.66 7.09 3.55
C PRO A 100 11.69 7.39 4.69
N TRP A 101 11.47 6.41 5.56
CA TRP A 101 10.96 6.66 6.91
C TRP A 101 11.66 7.86 7.49
N THR A 102 10.93 8.81 8.06
CA THR A 102 11.56 9.83 8.88
C THR A 102 10.89 9.96 10.23
N PHE A 103 11.65 10.53 11.16
CA PHE A 103 11.26 10.63 12.55
C PHE A 103 11.33 12.09 12.97
N GLY A 104 10.46 12.47 13.90
CA GLY A 104 10.57 13.74 14.60
C GLY A 104 11.73 13.68 15.58
N GLY A 105 12.05 14.83 16.18
CA GLY A 105 13.16 14.92 17.12
C GLY A 105 12.89 14.35 18.49
N GLY A 106 11.62 14.03 18.76
CA GLY A 106 11.24 13.44 20.03
C GLY A 106 10.81 14.49 21.04
N THR A 107 9.79 14.16 21.82
CA THR A 107 9.35 15.04 22.90
C THR A 107 9.41 14.29 24.23
N LYS A 108 10.17 14.83 25.19
CA LYS A 108 10.25 14.22 26.50
C LYS A 108 9.02 14.55 27.35
N LEU A 109 8.39 13.51 27.90
CA LEU A 109 7.29 13.69 28.83
C LEU A 109 7.86 13.70 30.24
N GLU A 110 7.55 14.75 30.99
CA GLU A 110 7.97 14.87 32.37
C GLU A 110 6.78 14.77 33.30
N ILE A 111 6.91 13.98 34.36
CA ILE A 111 5.90 13.92 35.42
C ILE A 111 6.09 15.06 36.42
N LYS A 112 5.02 15.80 36.65
CA LYS A 112 5.00 16.85 37.67
C LYS A 112 4.51 16.26 38.98
N ARG A 113 5.45 15.94 39.88
CA ARG A 113 5.11 15.43 41.19
C ARG A 113 5.38 16.49 42.24
N ALA A 114 5.05 16.19 43.50
CA ALA A 114 5.25 17.14 44.59
C ALA A 114 6.74 17.36 44.81
N ASP A 115 7.13 18.57 45.20
CA ASP A 115 8.53 18.85 45.41
C ASP A 115 9.09 17.92 46.49
N ALA A 116 10.33 17.51 46.31
CA ALA A 116 11.03 16.69 47.29
C ALA A 116 12.47 17.18 47.35
N ALA A 117 12.99 17.32 48.56
CA ALA A 117 14.36 17.79 48.76
C ALA A 117 15.33 16.63 48.60
N PRO A 118 16.54 16.93 48.15
CA PRO A 118 17.55 15.89 47.95
C PRO A 118 18.05 15.33 49.27
N THR A 119 18.41 14.04 49.25
CA THR A 119 19.22 13.45 50.31
C THR A 119 20.67 13.51 49.83
N VAL A 120 21.52 14.14 50.62
CA VAL A 120 22.87 14.44 50.17
C VAL A 120 23.89 13.52 50.83
N SER A 121 24.80 13.00 50.03
CA SER A 121 25.88 12.14 50.52
C SER A 121 27.19 12.67 49.96
N ILE A 122 28.24 12.69 50.77
CA ILE A 122 29.55 13.07 50.26
C ILE A 122 30.48 11.87 50.39
N PHE A 123 31.31 11.66 49.37
CA PHE A 123 32.22 10.53 49.35
C PHE A 123 33.67 10.97 49.18
N PRO A 124 34.46 10.86 50.24
CA PRO A 124 35.91 11.07 50.11
C PRO A 124 36.49 10.02 49.18
N PRO A 125 37.57 10.36 48.49
CA PRO A 125 38.29 9.39 47.70
C PRO A 125 38.60 8.15 48.53
N SER A 126 38.50 6.99 47.90
CA SER A 126 38.76 5.74 48.59
C SER A 126 40.27 5.50 48.57
N SER A 127 40.75 4.64 49.46
CA SER A 127 42.15 4.28 49.45
C SER A 127 42.55 3.72 48.09
N GLU A 128 41.64 3.01 47.43
CA GLU A 128 41.95 2.40 46.15
C GLU A 128 42.18 3.47 45.09
N GLN A 129 41.31 4.48 45.04
CA GLN A 129 41.54 5.55 44.09
C GLN A 129 42.83 6.31 44.41
N LEU A 130 43.08 6.54 45.69
CA LEU A 130 44.30 7.25 46.05
C LEU A 130 45.57 6.51 45.61
N THR A 131 45.60 5.19 45.76
CA THR A 131 46.68 4.37 45.25
C THR A 131 46.95 4.59 43.76
N SER A 132 45.89 4.80 43.01
CA SER A 132 45.96 5.02 41.57
C SER A 132 46.46 6.44 41.25
N GLY A 133 46.54 7.29 42.27
CA GLY A 133 46.97 8.67 42.06
C GLY A 133 45.81 9.65 41.87
N GLY A 134 44.59 9.15 41.94
CA GLY A 134 43.43 10.00 41.70
C GLY A 134 42.67 10.35 42.97
N ALA A 135 41.97 11.47 42.99
CA ALA A 135 41.19 11.89 44.16
C ALA A 135 39.95 12.67 43.74
N SER A 136 39.04 11.99 43.05
CA SER A 136 37.71 12.51 42.79
C SER A 136 36.86 12.51 44.06
N VAL A 137 36.27 13.65 44.38
CA VAL A 137 35.33 13.74 45.49
C VAL A 137 33.93 13.82 44.89
N VAL A 138 33.02 12.98 45.36
CA VAL A 138 31.67 12.96 44.82
C VAL A 138 30.67 13.44 45.85
N CYS A 139 29.77 14.32 45.42
CA CYS A 139 28.64 14.74 46.22
C CYS A 139 27.39 14.25 45.51
N PHE A 140 26.64 13.35 46.15
CA PHE A 140 25.48 12.78 45.49
C PHE A 140 24.18 13.34 46.05
N LEU A 141 23.31 13.83 45.18
CA LEU A 141 22.01 14.37 45.60
C LEU A 141 20.92 13.45 45.11
N ASN A 142 20.19 12.81 46.01
CA ASN A 142 19.34 11.69 45.63
C ASN A 142 17.84 11.96 45.82
N ASN A 143 17.07 11.67 44.77
CA ASN A 143 15.61 11.60 44.82
C ASN A 143 14.93 12.94 45.12
N PHE A 144 15.15 13.92 44.25
CA PHE A 144 14.58 15.24 44.44
C PHE A 144 13.74 15.65 43.23
N TYR A 145 12.91 16.67 43.45
CA TYR A 145 12.11 17.26 42.38
C TYR A 145 11.78 18.69 42.79
N PRO A 146 11.84 19.65 41.86
CA PRO A 146 12.18 19.45 40.45
C PRO A 146 13.67 19.30 40.15
N LYS A 147 13.98 19.17 38.85
CA LYS A 147 15.32 18.79 38.41
C LYS A 147 16.40 19.83 38.68
N ASP A 148 16.04 21.11 38.65
CA ASP A 148 17.01 22.18 38.78
C ASP A 148 17.57 22.24 40.20
N ILE A 149 18.89 22.29 40.30
CA ILE A 149 19.56 22.22 41.59
C ILE A 149 20.99 22.75 41.45
N ASN A 150 21.47 23.40 42.50
CA ASN A 150 22.80 24.00 42.49
C ASN A 150 23.66 23.38 43.58
N VAL A 151 24.88 22.99 43.21
CA VAL A 151 25.84 22.47 44.17
C VAL A 151 27.05 23.37 44.18
N LYS A 152 27.50 23.72 45.37
CA LYS A 152 28.69 24.54 45.53
C LYS A 152 29.71 23.76 46.34
N TRP A 153 30.95 23.76 45.86
CA TRP A 153 32.05 23.15 46.59
C TRP A 153 32.86 24.20 47.32
N LYS A 154 33.19 23.89 48.56
CA LYS A 154 34.09 24.71 49.35
C LYS A 154 35.23 23.83 49.85
N ILE A 155 36.44 24.28 49.61
CA ILE A 155 37.65 23.60 50.06
C ILE A 155 38.37 24.52 51.03
N ASP A 156 38.53 24.09 52.28
CA ASP A 156 39.05 24.96 53.33
C ASP A 156 38.48 26.37 53.27
N GLY A 157 37.17 26.46 53.06
CA GLY A 157 36.44 27.71 53.15
C GLY A 157 36.34 28.51 51.88
N SER A 158 37.10 28.13 50.85
CA SER A 158 37.08 28.88 49.60
C SER A 158 36.31 28.12 48.54
N GLU A 159 35.38 28.82 47.89
CA GLU A 159 34.61 28.23 46.81
C GLU A 159 35.51 27.66 45.71
N ARG A 160 35.13 26.49 45.21
CA ARG A 160 35.88 25.80 44.15
C ARG A 160 34.93 25.52 42.99
N GLN A 161 35.24 26.01 41.79
CA GLN A 161 34.39 25.74 40.64
C GLN A 161 35.12 24.95 39.56
N ASN A 162 36.42 25.19 39.41
CA ASN A 162 37.19 24.48 38.42
C ASN A 162 37.35 23.01 38.82
N GLY A 163 37.13 22.15 37.85
CA GLY A 163 37.26 20.72 38.09
C GLY A 163 35.99 20.09 38.59
N VAL A 164 34.93 20.87 38.65
CA VAL A 164 33.63 20.38 39.11
C VAL A 164 32.72 20.14 37.93
N LEU A 165 32.13 18.96 37.86
CA LEU A 165 31.19 18.63 36.80
C LEU A 165 29.95 17.94 37.37
N ASN A 166 28.78 18.28 36.82
CA ASN A 166 27.53 17.75 37.33
C ASN A 166 26.86 16.87 36.29
N SER A 167 26.22 15.81 36.75
CA SER A 167 25.52 14.91 35.83
C SER A 167 24.26 14.36 36.51
N TRP A 168 23.15 14.34 35.77
CA TRP A 168 21.88 13.87 36.30
C TRP A 168 21.50 12.47 35.80
N THR A 169 20.59 11.83 36.54
CA THR A 169 19.88 10.68 36.02
C THR A 169 18.68 11.17 35.19
N ASP A 170 17.97 10.23 34.57
CA ASP A 170 16.70 10.53 33.94
C ASP A 170 15.65 10.51 35.02
N GLN A 171 14.47 11.05 34.74
CA GLN A 171 13.39 11.01 35.72
C GLN A 171 13.02 9.56 35.99
N ASP A 172 12.87 9.24 37.27
CA ASP A 172 12.70 7.86 37.69
C ASP A 172 11.32 7.34 37.32
N SER A 173 11.30 6.08 36.85
CA SER A 173 10.09 5.45 36.33
C SER A 173 8.98 5.24 37.35
N LYS A 174 9.34 5.27 38.63
CA LYS A 174 8.40 4.93 39.69
C LYS A 174 8.08 6.12 40.59
N ASP A 175 9.11 6.74 41.15
CA ASP A 175 8.90 7.84 42.09
C ASP A 175 9.00 9.20 41.43
N SER A 176 9.28 9.21 40.13
CA SER A 176 9.31 10.44 39.34
C SER A 176 10.30 11.50 39.84
N THR A 177 11.35 11.05 40.53
CA THR A 177 12.40 11.95 41.02
C THR A 177 13.63 11.97 40.13
N TYR A 178 14.51 12.93 40.37
CA TYR A 178 15.81 12.99 39.73
C TYR A 178 16.88 12.72 40.78
N SER A 179 18.06 12.34 40.31
CA SER A 179 19.24 12.28 41.15
C SER A 179 20.37 12.88 40.34
N MET A 180 21.39 13.39 41.03
CA MET A 180 22.55 13.97 40.36
C MET A 180 23.82 13.82 41.18
N SER A 181 24.95 13.67 40.51
CA SER A 181 26.22 13.65 41.20
C SER A 181 26.95 14.93 40.80
N SER A 182 27.62 15.53 41.77
CA SER A 182 28.58 16.60 41.50
C SER A 182 29.95 16.02 41.81
N THR A 183 30.86 16.09 40.85
CA THR A 183 32.16 15.49 41.06
C THR A 183 33.25 16.53 40.95
N LEU A 184 34.08 16.59 41.99
CA LEU A 184 35.26 17.43 41.99
C LEU A 184 36.46 16.55 41.68
N THR A 185 37.06 16.75 40.52
CA THR A 185 38.15 15.87 40.07
C THR A 185 39.48 16.50 40.43
N LEU A 186 40.23 15.82 41.29
CA LEU A 186 41.54 16.28 41.72
C LEU A 186 42.55 15.15 41.58
N THR A 187 43.82 15.50 41.44
CA THR A 187 44.90 14.54 41.65
C THR A 187 45.09 14.29 43.15
N LYS A 188 45.65 13.14 43.50
CA LYS A 188 46.04 12.88 44.88
C LYS A 188 46.88 14.05 45.42
N ASP A 189 47.81 14.56 44.64
CA ASP A 189 48.66 15.64 45.12
C ASP A 189 47.82 16.88 45.48
N GLU A 190 46.89 17.25 44.61
CA GLU A 190 46.02 18.42 44.86
C GLU A 190 45.18 18.19 46.11
N TYR A 191 44.55 17.04 46.15
CA TYR A 191 43.69 16.64 47.25
C TYR A 191 44.41 16.73 48.61
N GLU A 192 45.64 16.26 48.66
CA GLU A 192 46.38 16.17 49.92
C GLU A 192 46.97 17.51 50.38
N ARG A 193 46.61 18.60 49.72
CA ARG A 193 47.06 19.93 50.12
C ARG A 193 45.99 20.73 50.86
N HIS A 194 44.82 20.12 51.06
CA HIS A 194 43.73 20.77 51.77
C HIS A 194 43.12 19.77 52.74
N ASN A 195 42.40 20.27 53.73
CA ASN A 195 41.83 19.38 54.73
C ASN A 195 40.32 19.27 54.65
N SER A 196 39.63 20.40 54.54
CA SER A 196 38.17 20.40 54.64
C SER A 196 37.49 20.43 53.28
N TYR A 197 36.60 19.47 53.08
CA TYR A 197 35.86 19.35 51.84
C TYR A 197 34.37 19.40 52.10
N THR A 198 33.72 20.38 51.48
CA THR A 198 32.31 20.62 51.68
C THR A 198 31.56 20.73 50.37
N CYS A 199 30.41 20.08 50.31
CA CYS A 199 29.47 20.37 49.25
C CYS A 199 28.17 20.92 49.82
N GLU A 200 27.62 21.91 49.14
CA GLU A 200 26.39 22.58 49.57
C GLU A 200 25.35 22.50 48.45
N ALA A 201 24.21 21.87 48.73
CA ALA A 201 23.16 21.75 47.73
C ALA A 201 22.04 22.74 47.99
N THR A 202 21.76 23.57 46.99
CA THR A 202 20.65 24.52 47.04
C THR A 202 19.54 24.06 46.10
N HIS A 203 18.35 23.89 46.67
CA HIS A 203 17.15 23.44 45.95
C HIS A 203 15.96 24.28 46.39
N LYS A 204 14.90 24.31 45.58
CA LYS A 204 13.75 25.16 45.86
C LYS A 204 12.93 24.73 47.08
N THR A 205 13.10 23.49 47.51
CA THR A 205 12.37 22.98 48.67
C THR A 205 12.76 23.69 49.97
N SER A 206 13.87 24.41 49.94
CA SER A 206 14.31 25.18 51.11
C SER A 206 15.16 26.37 50.68
N THR A 207 15.26 27.35 51.58
CA THR A 207 16.12 28.52 51.37
C THR A 207 17.49 28.23 51.95
N SER A 208 17.54 27.26 52.88
CA SER A 208 18.79 26.80 53.44
C SER A 208 19.40 25.70 52.58
N PRO A 209 20.69 25.84 52.25
CA PRO A 209 21.40 24.75 51.58
C PRO A 209 21.57 23.56 52.52
N ILE A 210 21.61 22.36 51.94
CA ILE A 210 21.95 21.16 52.70
C ILE A 210 23.45 20.99 52.56
N VAL A 211 24.16 20.88 53.68
CA VAL A 211 25.61 20.95 53.66
C VAL A 211 26.22 19.66 54.19
N LYS A 212 27.15 19.07 53.44
CA LYS A 212 27.90 17.91 53.91
C LYS A 212 29.39 18.21 53.82
N SER A 213 30.14 17.75 54.81
CA SER A 213 31.54 18.12 54.95
C SER A 213 32.31 16.93 55.47
N PHE A 214 33.57 16.82 55.07
CA PHE A 214 34.51 15.93 55.75
C PHE A 214 35.91 16.55 55.81
N ASN A 215 36.69 15.98 56.72
CA ASN A 215 38.11 16.29 56.86
C ASN A 215 38.94 15.14 56.31
N ARG A 216 39.78 15.46 55.34
CA ARG A 216 40.64 14.48 54.70
C ARG A 216 41.38 13.63 55.73
N ASN A 217 41.88 14.27 56.78
CA ASN A 217 42.74 13.59 57.73
C ASN A 217 41.98 12.86 58.86
N GLU A 218 40.74 12.45 58.60
CA GLU A 218 39.97 11.64 59.55
C GLU A 218 39.51 10.32 58.93
N GLU B 1 10.57 -16.41 23.42
CA GLU B 1 10.21 -14.96 23.42
C GLU B 1 10.95 -14.26 22.29
N VAL B 2 10.39 -13.16 21.80
CA VAL B 2 10.97 -12.45 20.66
C VAL B 2 12.21 -11.68 21.09
N LYS B 3 13.32 -11.89 20.39
CA LYS B 3 14.57 -11.26 20.77
C LYS B 3 15.40 -10.85 19.55
N LEU B 4 15.97 -9.63 19.61
CA LEU B 4 16.87 -9.16 18.58
C LEU B 4 18.13 -8.69 19.27
N LEU B 5 19.29 -9.22 18.86
CA LEU B 5 20.53 -8.96 19.55
C LEU B 5 21.60 -8.47 18.58
N GLU B 6 21.84 -7.16 18.58
CA GLU B 6 22.82 -6.56 17.68
C GLU B 6 24.24 -6.75 18.22
N SER B 7 25.18 -6.97 17.32
CA SER B 7 26.60 -7.03 17.68
C SER B 7 27.44 -6.45 16.55
N GLY B 8 28.75 -6.36 16.78
CA GLY B 8 29.65 -5.89 15.74
C GLY B 8 30.04 -4.44 15.85
N GLY B 9 29.57 -3.76 16.90
CA GLY B 9 29.99 -2.40 17.17
C GLY B 9 31.41 -2.36 17.72
N GLY B 10 31.76 -1.24 18.34
CA GLY B 10 33.10 -1.05 18.88
C GLY B 10 33.67 0.25 18.37
N LEU B 11 34.95 0.22 18.02
CA LEU B 11 35.65 1.40 17.54
C LEU B 11 36.21 1.10 16.16
N VAL B 12 36.12 2.09 15.29
CA VAL B 12 36.61 1.97 13.92
C VAL B 12 37.26 3.30 13.57
N GLN B 13 38.34 3.25 12.80
CA GLN B 13 39.03 4.45 12.39
C GLN B 13 38.33 5.16 11.23
N PRO B 14 38.43 6.49 11.19
CA PRO B 14 37.90 7.22 10.06
C PRO B 14 38.40 6.63 8.75
N GLY B 15 37.48 6.44 7.81
CA GLY B 15 37.79 5.89 6.50
C GLY B 15 37.65 4.38 6.51
N GLY B 16 37.53 3.82 7.71
CA GLY B 16 37.47 2.37 7.86
C GLY B 16 36.16 1.79 7.43
N SER B 17 36.02 0.48 7.66
CA SER B 17 34.81 -0.27 7.37
C SER B 17 34.42 -1.10 8.60
N GLN B 18 33.15 -1.45 8.69
CA GLN B 18 32.62 -2.20 9.83
C GLN B 18 31.38 -2.97 9.41
N LYS B 19 31.23 -4.20 9.90
CA LYS B 19 30.04 -5.00 9.65
C LYS B 19 29.29 -5.27 10.95
N LEU B 20 28.07 -4.75 11.04
CA LEU B 20 27.20 -5.02 12.16
C LEU B 20 26.33 -6.22 11.81
N SER B 21 25.87 -6.93 12.83
CA SER B 21 25.00 -8.06 12.61
C SER B 21 23.93 -8.07 13.68
N CYS B 22 22.79 -8.65 13.35
CA CYS B 22 21.67 -8.72 14.25
C CYS B 22 21.20 -10.16 14.30
N ALA B 23 21.32 -10.79 15.46
CA ALA B 23 20.92 -12.19 15.63
C ALA B 23 19.50 -12.23 16.17
N ALA B 24 18.60 -12.83 15.40
CA ALA B 24 17.20 -12.85 15.75
C ALA B 24 16.83 -14.23 16.29
N SER B 25 15.97 -14.26 17.30
CA SER B 25 15.44 -15.52 17.82
C SER B 25 14.01 -15.34 18.32
N GLY B 26 13.32 -16.45 18.55
CA GLY B 26 11.96 -16.43 19.08
C GLY B 26 10.85 -16.34 18.02
N PHE B 27 11.22 -16.25 16.75
CA PHE B 27 10.22 -16.10 15.70
C PHE B 27 10.78 -16.54 14.34
N ASP B 28 9.88 -16.67 13.37
CA ASP B 28 10.28 -17.14 12.04
C ASP B 28 10.91 -15.98 11.28
N PHE B 29 12.21 -15.84 11.46
CA PHE B 29 12.95 -14.71 10.90
C PHE B 29 12.64 -14.50 9.42
N SER B 30 12.53 -15.59 8.68
CA SER B 30 12.42 -15.54 7.22
C SER B 30 11.09 -14.93 6.73
N GLY B 31 10.15 -14.72 7.64
CA GLY B 31 8.83 -14.22 7.23
C GLY B 31 8.64 -12.72 7.33
N TYR B 32 9.63 -12.01 7.87
CA TYR B 32 9.44 -10.60 8.21
C TYR B 32 10.40 -9.64 7.51
N TRP B 33 9.97 -8.41 7.28
CA TRP B 33 10.89 -7.36 6.87
C TRP B 33 11.78 -7.01 8.07
N MET B 34 12.98 -6.53 7.80
CA MET B 34 13.91 -6.13 8.85
C MET B 34 14.56 -4.80 8.50
N SER B 35 14.86 -3.99 9.51
CA SER B 35 15.33 -2.64 9.27
C SER B 35 16.51 -2.27 10.17
N TRP B 36 17.27 -1.26 9.76
CA TRP B 36 18.26 -0.61 10.59
C TRP B 36 17.92 0.87 10.78
N VAL B 37 18.01 1.30 12.04
CA VAL B 37 17.80 2.69 12.45
C VAL B 37 18.93 3.04 13.41
N ARG B 38 19.44 4.26 13.32
CA ARG B 38 20.52 4.65 14.20
C ARG B 38 20.21 5.94 14.94
N GLN B 39 20.86 6.09 16.09
CA GLN B 39 20.65 7.23 16.96
C GLN B 39 22.03 7.73 17.37
N ALA B 40 22.43 8.85 16.77
CA ALA B 40 23.67 9.51 17.14
C ALA B 40 23.54 10.05 18.56
N PRO B 41 24.64 10.25 19.26
CA PRO B 41 24.59 10.56 20.68
C PRO B 41 23.81 11.84 20.98
N GLY B 42 22.81 11.73 21.85
CA GLY B 42 21.98 12.86 22.22
C GLY B 42 21.12 13.39 21.09
N LYS B 43 21.07 12.64 19.99
CA LYS B 43 20.30 13.04 18.81
C LYS B 43 19.05 12.19 18.65
N GLY B 44 18.35 12.43 17.54
CA GLY B 44 17.14 11.71 17.20
C GLY B 44 17.42 10.44 16.42
N LEU B 45 16.42 9.99 15.67
CA LEU B 45 16.51 8.72 14.98
C LEU B 45 16.66 8.96 13.48
N GLU B 46 17.52 8.18 12.86
CA GLU B 46 17.73 8.21 11.42
C GLU B 46 17.59 6.81 10.84
N TRP B 47 16.59 6.64 9.98
CA TRP B 47 16.39 5.36 9.29
C TRP B 47 17.53 5.18 8.30
N ILE B 48 18.08 3.97 8.26
CA ILE B 48 19.13 3.66 7.30
C ILE B 48 18.53 2.92 6.12
N GLY B 49 17.81 1.84 6.41
CA GLY B 49 17.21 1.05 5.34
C GLY B 49 16.44 -0.14 5.85
N GLU B 50 15.88 -0.89 4.92
CA GLU B 50 15.13 -2.11 5.25
C GLU B 50 15.37 -3.15 4.17
N ILE B 51 15.03 -4.39 4.49
CA ILE B 51 15.14 -5.49 3.56
C ILE B 51 13.94 -6.44 3.74
N ASN B 52 13.33 -6.87 2.64
CA ASN B 52 12.17 -7.76 2.73
C ASN B 52 12.64 -9.20 2.99
N PRO B 53 11.69 -10.10 3.29
CA PRO B 53 12.01 -11.47 3.71
C PRO B 53 12.99 -12.24 2.82
N ASP B 54 12.85 -12.16 1.50
CA ASP B 54 13.71 -12.94 0.61
C ASP B 54 14.79 -12.11 -0.06
N SER B 55 15.02 -10.90 0.45
CA SER B 55 16.11 -10.03 0.00
C SER B 55 15.97 -9.50 -1.43
N SER B 56 14.80 -9.66 -2.02
CA SER B 56 14.57 -9.17 -3.38
C SER B 56 14.38 -7.65 -3.45
N THR B 57 14.05 -7.03 -2.33
CA THR B 57 13.87 -5.58 -2.26
C THR B 57 14.64 -4.99 -1.08
N ILE B 58 15.43 -3.97 -1.34
CA ILE B 58 16.16 -3.26 -0.29
C ILE B 58 16.07 -1.76 -0.51
N ASN B 59 15.57 -1.04 0.50
CA ASN B 59 15.41 0.40 0.43
C ASN B 59 16.34 1.13 1.39
N TYR B 60 16.80 2.31 1.00
CA TYR B 60 17.73 3.11 1.80
C TYR B 60 17.30 4.57 1.92
N THR B 61 17.80 5.25 2.95
CA THR B 61 17.85 6.70 2.92
C THR B 61 18.84 7.07 1.80
N PRO B 62 18.38 7.89 0.84
CA PRO B 62 19.18 8.21 -0.33
C PRO B 62 20.64 8.59 -0.03
N SER B 63 20.83 9.53 0.88
CA SER B 63 22.16 10.05 1.20
C SER B 63 23.08 9.01 1.84
N LEU B 64 22.55 7.83 2.12
CA LEU B 64 23.28 6.77 2.82
C LEU B 64 23.54 5.53 1.96
N LYS B 65 22.95 5.46 0.78
CA LYS B 65 23.01 4.25 -0.03
C LYS B 65 24.43 4.01 -0.58
N ASP B 66 25.25 5.04 -0.57
CA ASP B 66 26.63 4.92 -1.02
C ASP B 66 27.55 4.27 0.02
N LYS B 67 27.21 4.38 1.29
CA LYS B 67 28.09 3.93 2.36
C LYS B 67 27.57 2.75 3.17
N PHE B 68 26.33 2.35 2.94
CA PHE B 68 25.73 1.26 3.71
C PHE B 68 25.17 0.17 2.81
N ILE B 69 25.35 -1.08 3.20
CA ILE B 69 24.79 -2.20 2.47
C ILE B 69 24.10 -3.15 3.44
N ILE B 70 22.80 -3.35 3.25
CA ILE B 70 22.02 -4.24 4.09
C ILE B 70 21.86 -5.61 3.44
N SER B 71 21.99 -6.66 4.24
CA SER B 71 21.75 -8.03 3.78
C SER B 71 21.24 -8.87 4.94
N ARG B 72 20.87 -10.11 4.65
CA ARG B 72 20.42 -11.04 5.69
C ARG B 72 20.72 -12.48 5.32
N ASP B 73 20.76 -13.34 6.32
CA ASP B 73 20.95 -14.78 6.13
C ASP B 73 19.86 -15.51 6.91
N ASN B 74 18.77 -15.84 6.24
CA ASN B 74 17.61 -16.42 6.91
C ASN B 74 17.97 -17.70 7.63
N ALA B 75 18.75 -18.57 6.99
CA ALA B 75 19.17 -19.82 7.58
C ALA B 75 19.98 -19.62 8.86
N LYS B 76 20.52 -18.42 9.04
CA LYS B 76 21.25 -18.07 10.26
C LYS B 76 20.50 -17.05 11.11
N ASN B 77 19.24 -16.76 10.73
CA ASN B 77 18.43 -15.78 11.45
C ASN B 77 19.20 -14.49 11.71
N THR B 78 19.94 -14.02 10.72
CA THR B 78 20.82 -12.87 10.94
C THR B 78 20.64 -11.77 9.90
N LEU B 79 20.51 -10.54 10.40
CA LEU B 79 20.54 -9.34 9.58
C LEU B 79 21.93 -8.71 9.67
N TYR B 80 22.41 -8.14 8.56
CA TYR B 80 23.70 -7.50 8.52
C TYR B 80 23.62 -6.05 8.05
N LEU B 81 24.58 -5.25 8.48
CA LEU B 81 24.82 -3.92 7.93
C LEU B 81 26.30 -3.74 7.70
N GLN B 82 26.70 -3.58 6.44
CA GLN B 82 28.09 -3.32 6.09
C GLN B 82 28.29 -1.84 5.82
N MET B 83 29.19 -1.21 6.57
CA MET B 83 29.48 0.21 6.41
C MET B 83 30.89 0.41 5.87
N SER B 84 31.08 1.46 5.08
CA SER B 84 32.38 1.77 4.51
C SER B 84 32.63 3.27 4.50
N LYS B 85 33.91 3.65 4.34
CA LYS B 85 34.36 5.04 4.36
C LYS B 85 33.71 5.85 5.48
N VAL B 86 33.71 5.29 6.67
CA VAL B 86 32.99 5.91 7.78
C VAL B 86 33.65 7.19 8.26
N ARG B 87 32.84 8.06 8.86
CA ARG B 87 33.29 9.35 9.36
C ARG B 87 32.71 9.54 10.75
N SER B 88 33.10 10.61 11.44
CA SER B 88 32.68 10.82 12.83
C SER B 88 31.16 10.88 12.99
N GLU B 89 30.46 11.35 11.97
CA GLU B 89 29.01 11.45 12.01
C GLU B 89 28.32 10.08 12.00
N ASP B 90 29.07 9.01 11.74
CA ASP B 90 28.51 7.66 11.78
C ASP B 90 28.58 7.08 13.20
N THR B 91 29.24 7.77 14.12
CA THR B 91 29.22 7.37 15.52
C THR B 91 27.78 7.40 16.04
N ALA B 92 27.25 6.24 16.45
CA ALA B 92 25.86 6.13 16.84
C ALA B 92 25.54 4.77 17.45
N LEU B 93 24.35 4.70 18.05
CA LEU B 93 23.79 3.42 18.44
C LEU B 93 22.96 2.92 17.25
N TYR B 94 23.22 1.68 16.83
CA TYR B 94 22.57 1.10 15.67
C TYR B 94 21.56 0.07 16.13
N TYR B 95 20.29 0.30 15.80
CA TYR B 95 19.21 -0.60 16.18
C TYR B 95 18.79 -1.47 15.01
N CYS B 96 18.47 -2.71 15.35
CA CYS B 96 17.90 -3.69 14.44
C CYS B 96 16.41 -3.71 14.73
N ALA B 97 15.57 -3.70 13.71
CA ALA B 97 14.13 -3.64 13.92
C ALA B 97 13.38 -4.60 13.01
N ARG B 98 12.41 -5.28 13.58
CA ARG B 98 11.56 -6.20 12.83
C ARG B 98 10.30 -5.49 12.34
N GLU B 99 10.04 -5.64 11.03
CA GLU B 99 8.79 -5.22 10.41
C GLU B 99 8.16 -3.99 11.06
N THR B 100 8.81 -2.85 10.83
CA THR B 100 8.43 -1.57 11.39
C THR B 100 7.13 -1.07 10.81
N GLY B 101 6.25 -0.59 11.68
CA GLY B 101 5.00 0.02 11.27
C GLY B 101 3.81 -0.93 11.36
N THR B 102 4.07 -2.13 11.86
CA THR B 102 3.03 -3.15 11.95
C THR B 102 2.88 -3.61 13.40
N ARG B 103 1.94 -4.51 13.64
CA ARG B 103 1.76 -5.08 14.98
C ARG B 103 2.94 -5.97 15.36
N PHE B 104 3.85 -6.19 14.42
CA PHE B 104 5.04 -7.01 14.66
C PHE B 104 6.26 -6.16 14.99
N ASP B 105 6.12 -4.85 14.87
CA ASP B 105 7.19 -3.89 15.13
C ASP B 105 7.93 -4.22 16.43
N TYR B 106 9.23 -4.47 16.33
CA TYR B 106 10.05 -4.73 17.51
C TYR B 106 11.50 -4.34 17.29
N TRP B 107 12.07 -3.62 18.25
CA TRP B 107 13.43 -3.12 18.13
C TRP B 107 14.38 -3.82 19.10
N GLY B 108 15.60 -4.10 18.64
CA GLY B 108 16.64 -4.56 19.55
C GLY B 108 17.16 -3.41 20.40
N GLN B 109 18.08 -3.70 21.32
CA GLN B 109 18.60 -2.67 22.21
C GLN B 109 19.76 -1.90 21.61
N GLY B 110 20.31 -2.42 20.52
CA GLY B 110 21.29 -1.72 19.71
C GLY B 110 22.74 -2.03 20.08
N THR B 111 23.64 -1.71 19.17
CA THR B 111 25.08 -1.83 19.39
C THR B 111 25.70 -0.49 19.01
N THR B 112 26.67 -0.05 19.82
CA THR B 112 27.29 1.26 19.63
C THR B 112 28.53 1.18 18.77
N LEU B 113 28.62 2.05 17.76
CA LEU B 113 29.82 2.16 16.95
C LEU B 113 30.38 3.58 17.08
N THR B 114 31.69 3.65 17.32
CA THR B 114 32.38 4.92 17.48
C THR B 114 33.48 5.07 16.45
N VAL B 115 33.43 6.17 15.71
CA VAL B 115 34.42 6.42 14.69
C VAL B 115 35.44 7.39 15.27
N SER B 116 36.68 6.95 15.40
CA SER B 116 37.66 7.69 16.16
C SER B 116 39.09 7.24 15.89
N SER B 117 40.05 8.17 15.95
CA SER B 117 41.46 7.79 15.81
C SER B 117 42.15 7.58 17.17
N ALA B 118 41.36 7.65 18.24
CA ALA B 118 41.85 7.44 19.59
C ALA B 118 41.90 5.95 19.93
N THR B 119 42.25 5.61 21.16
CA THR B 119 42.54 4.23 21.56
C THR B 119 41.48 3.76 22.54
N THR B 120 40.90 2.60 22.23
CA THR B 120 40.01 2.00 23.20
C THR B 120 40.76 1.80 24.49
N THR B 121 40.08 2.12 25.61
CA THR B 121 40.67 2.14 26.95
C THR B 121 39.66 1.59 27.94
N ALA B 122 40.06 0.56 28.68
CA ALA B 122 39.22 -0.07 29.68
C ALA B 122 39.00 0.87 30.87
N PRO B 123 37.85 0.76 31.54
CA PRO B 123 37.59 1.56 32.73
C PRO B 123 38.37 1.10 33.94
N SER B 124 38.67 2.06 34.81
CA SER B 124 39.07 1.75 36.17
C SER B 124 37.85 1.97 37.04
N VAL B 125 37.72 1.20 38.10
CA VAL B 125 36.54 1.28 38.92
C VAL B 125 36.93 1.43 40.39
N TYR B 126 36.42 2.47 41.04
CA TYR B 126 36.79 2.77 42.44
C TYR B 126 35.54 2.88 43.29
N PRO B 127 35.58 2.38 44.52
CA PRO B 127 34.39 2.41 45.36
C PRO B 127 34.06 3.81 45.88
N LEU B 128 32.77 4.07 46.07
CA LEU B 128 32.35 5.32 46.71
C LEU B 128 31.73 4.87 48.03
N VAL B 129 32.39 5.18 49.14
CA VAL B 129 31.94 4.70 50.46
C VAL B 129 31.95 5.87 51.43
N PRO B 130 31.06 5.84 52.40
CA PRO B 130 30.99 6.89 53.42
C PRO B 130 32.35 7.09 54.11
N GLY B 131 32.65 8.32 54.50
CA GLY B 131 33.92 8.64 55.15
C GLY B 131 34.00 8.05 56.55
N GLY B 132 22.46 6.10 59.46
CA GLY B 132 21.03 5.99 59.73
C GLY B 132 20.46 4.65 59.32
N SER B 133 19.20 4.65 58.90
CA SER B 133 18.50 3.43 58.54
C SER B 133 18.98 2.90 57.19
N SER B 134 19.58 3.77 56.40
CA SER B 134 19.96 3.40 55.05
C SER B 134 21.34 3.93 54.71
N VAL B 135 22.02 3.26 53.79
CA VAL B 135 23.35 3.72 53.39
C VAL B 135 23.44 3.75 51.87
N THR B 136 24.10 4.79 51.35
CA THR B 136 24.26 4.94 49.92
C THR B 136 25.73 4.76 49.56
N LEU B 137 25.98 3.83 48.64
CA LEU B 137 27.30 3.48 48.17
C LEU B 137 27.27 3.51 46.66
N GLY B 138 28.45 3.43 46.05
CA GLY B 138 28.53 3.48 44.59
C GLY B 138 29.86 3.00 44.05
N CYS B 139 30.00 3.03 42.73
CA CYS B 139 31.30 2.99 42.10
C CYS B 139 31.40 4.06 41.04
N LEU B 140 32.61 4.59 41.07
CA LEU B 140 33.08 5.56 40.14
C LEU B 140 33.77 4.80 39.02
N VAL B 141 33.26 4.96 37.80
CA VAL B 141 33.80 4.28 36.64
C VAL B 141 34.44 5.31 35.79
N LYS B 142 35.75 5.19 35.63
CA LYS B 142 36.44 6.31 35.03
C LYS B 142 37.49 5.90 34.01
N GLY B 143 37.85 6.83 33.14
CA GLY B 143 38.98 6.61 32.26
C GLY B 143 38.70 5.81 31.02
N TYR B 144 37.43 5.49 30.77
CA TYR B 144 37.12 4.64 29.62
C TYR B 144 36.86 5.36 28.27
N PHE B 145 37.09 4.62 27.19
CA PHE B 145 36.73 5.08 25.87
C PHE B 145 36.63 3.88 24.94
N PRO B 146 35.67 3.87 24.02
CA PRO B 146 34.60 4.86 23.88
C PRO B 146 33.42 4.45 24.76
N GLU B 147 32.25 5.07 24.57
CA GLU B 147 31.03 4.65 25.24
C GLU B 147 30.47 3.38 24.60
N PRO B 148 29.63 2.64 25.31
CA PRO B 148 29.21 2.88 26.67
C PRO B 148 29.86 1.95 27.70
N VAL B 149 29.51 2.17 28.96
CA VAL B 149 29.63 1.14 29.98
C VAL B 149 28.25 0.89 30.53
N THR B 150 28.06 -0.30 31.10
CA THR B 150 26.89 -0.63 31.90
C THR B 150 27.30 -1.02 33.31
N VAL B 151 26.48 -0.67 34.29
CA VAL B 151 26.75 -1.03 35.67
C VAL B 151 25.54 -1.74 36.24
N LYS B 152 25.77 -2.91 36.83
CA LYS B 152 24.76 -3.58 37.65
C LYS B 152 25.23 -3.76 39.09
N TRP B 153 24.30 -4.11 39.98
CA TRP B 153 24.64 -4.23 41.39
C TRP B 153 24.23 -5.60 41.88
N ASN B 154 25.16 -6.28 42.56
CA ASN B 154 24.97 -7.65 42.99
C ASN B 154 24.46 -8.55 41.88
N TYR B 155 25.09 -8.41 40.71
CA TYR B 155 24.76 -9.18 39.53
C TYR B 155 23.35 -8.88 39.02
N GLY B 156 22.78 -7.77 39.46
CA GLY B 156 21.47 -7.31 38.99
C GLY B 156 20.37 -7.62 39.98
N ALA B 157 20.76 -8.22 41.10
CA ALA B 157 19.84 -8.54 42.18
C ALA B 157 19.37 -7.30 42.95
N LEU B 158 20.17 -6.24 42.93
CA LEU B 158 19.78 -4.93 43.43
C LEU B 158 19.43 -4.04 42.25
N SER B 159 18.17 -3.61 42.15
CA SER B 159 17.76 -2.76 41.03
C SER B 159 17.02 -1.52 41.49
N SER B 160 16.12 -1.66 42.46
CA SER B 160 15.41 -0.49 42.99
C SER B 160 16.40 0.46 43.66
N GLY B 161 16.20 1.75 43.50
CA GLY B 161 17.11 2.72 44.10
C GLY B 161 18.55 2.64 43.61
N VAL B 162 18.72 2.00 42.45
CA VAL B 162 19.96 2.15 41.72
C VAL B 162 19.82 3.45 40.93
N ARG B 163 20.89 4.25 40.92
CA ARG B 163 20.91 5.55 40.27
C ARG B 163 22.21 5.70 39.53
N THR B 164 22.13 5.66 38.21
CA THR B 164 23.32 5.81 37.36
C THR B 164 23.17 7.06 36.53
N VAL B 165 24.06 8.02 36.74
CA VAL B 165 23.96 9.30 36.06
C VAL B 165 24.62 9.22 34.69
N SER B 166 24.42 10.27 33.91
CA SER B 166 25.01 10.30 32.58
C SER B 166 26.52 10.41 32.63
N SER B 167 27.16 9.84 31.62
CA SER B 167 28.59 9.86 31.52
C SER B 167 28.99 11.29 31.14
N VAL B 168 30.23 11.65 31.41
CA VAL B 168 30.75 12.92 30.92
C VAL B 168 32.07 12.68 30.24
N LEU B 169 32.31 13.38 29.14
CA LEU B 169 33.59 13.33 28.42
C LEU B 169 34.50 14.43 28.93
N GLN B 170 35.72 14.06 29.32
CA GLN B 170 36.70 15.05 29.71
C GLN B 170 38.10 14.57 29.36
N SER B 171 38.80 15.41 28.59
CA SER B 171 40.17 15.13 28.18
C SER B 171 40.32 13.79 27.43
N GLY B 172 39.29 13.42 26.68
CA GLY B 172 39.35 12.23 25.83
C GLY B 172 38.78 10.97 26.43
N PHE B 173 38.38 11.03 27.70
CA PHE B 173 37.85 9.86 28.35
C PHE B 173 36.56 10.15 29.09
N TYR B 174 35.78 9.09 29.28
CA TYR B 174 34.47 9.16 29.92
C TYR B 174 34.54 8.72 31.36
N SER B 175 33.65 9.25 32.18
CA SER B 175 33.44 8.69 33.50
C SER B 175 32.00 8.84 33.93
N LEU B 176 31.58 8.01 34.87
CA LEU B 176 30.27 8.19 35.42
C LEU B 176 30.31 7.55 36.80
N SER B 177 29.24 7.77 37.54
CA SER B 177 29.08 7.15 38.84
C SER B 177 27.73 6.47 38.91
N SER B 178 27.72 5.35 39.61
CA SER B 178 26.50 4.61 39.83
C SER B 178 26.36 4.38 41.33
N LEU B 179 25.17 4.63 41.83
CA LEU B 179 24.95 4.55 43.28
C LEU B 179 23.77 3.68 43.54
N VAL B 180 23.79 3.02 44.70
CA VAL B 180 22.66 2.24 45.17
C VAL B 180 22.48 2.57 46.64
N THR B 181 21.25 2.48 47.11
CA THR B 181 20.94 2.64 48.52
C THR B 181 20.52 1.29 49.03
N VAL B 182 21.00 0.89 50.21
CA VAL B 182 20.58 -0.38 50.81
C VAL B 182 20.30 -0.13 52.29
N PRO B 183 19.61 -1.04 52.96
CA PRO B 183 19.51 -0.94 54.42
C PRO B 183 20.89 -0.92 55.09
N SER B 184 21.05 -0.21 56.19
CA SER B 184 22.31 -0.21 56.91
C SER B 184 22.66 -1.60 57.46
N SER B 185 21.66 -2.47 57.63
CA SER B 185 21.91 -3.85 58.08
C SER B 185 22.52 -4.75 57.00
N THR B 186 22.56 -4.25 55.77
CA THR B 186 23.10 -4.98 54.62
C THR B 186 24.57 -4.62 54.42
N TRP B 187 24.91 -3.36 54.61
CA TRP B 187 26.29 -2.92 54.45
C TRP B 187 26.68 -2.11 55.68
N PRO B 188 27.84 -2.40 56.29
CA PRO B 188 28.91 -3.19 55.71
C PRO B 188 28.97 -4.67 56.09
N SER B 189 28.02 -5.13 56.89
CA SER B 189 28.05 -6.50 57.38
C SER B 189 27.85 -7.53 56.27
N GLN B 190 27.37 -7.10 55.12
CA GLN B 190 27.10 -8.03 54.04
C GLN B 190 27.63 -7.49 52.71
N THR B 191 27.72 -8.40 51.74
CA THR B 191 28.40 -8.13 50.49
C THR B 191 27.60 -7.25 49.55
N VAL B 192 28.28 -6.25 48.99
CA VAL B 192 27.75 -5.42 47.92
C VAL B 192 28.79 -5.26 46.81
N ILE B 193 28.42 -5.74 45.63
CA ILE B 193 29.29 -5.78 44.48
C ILE B 193 28.70 -4.91 43.38
N CYS B 194 29.55 -4.18 42.67
CA CYS B 194 29.11 -3.59 41.41
C CYS B 194 29.75 -4.32 40.25
N ASN B 195 28.92 -4.58 39.24
CA ASN B 195 29.34 -5.27 38.03
C ASN B 195 29.43 -4.29 36.88
N VAL B 196 30.64 -4.06 36.36
CA VAL B 196 30.85 -3.07 35.31
C VAL B 196 31.31 -3.74 34.04
N ALA B 197 30.68 -3.39 32.91
CA ALA B 197 31.02 -3.97 31.62
C ALA B 197 31.37 -2.83 30.70
N HIS B 198 32.37 -3.08 29.86
CA HIS B 198 32.78 -2.14 28.82
C HIS B 198 32.94 -2.92 27.51
N PRO B 199 31.93 -2.96 26.67
CA PRO B 199 31.91 -3.86 25.52
C PRO B 199 33.06 -3.62 24.55
N ALA B 200 33.47 -2.38 24.36
CA ALA B 200 34.49 -2.10 23.36
C ALA B 200 35.83 -2.75 23.70
N SER B 201 36.14 -2.90 24.98
CA SER B 201 37.37 -3.55 25.39
C SER B 201 37.16 -4.96 25.91
N LYS B 202 35.93 -5.47 25.78
CA LYS B 202 35.53 -6.75 26.35
C LYS B 202 35.88 -6.88 27.82
N THR B 203 35.70 -5.79 28.56
CA THR B 203 36.00 -5.74 29.98
C THR B 203 34.75 -6.12 30.79
N GLU B 204 34.90 -7.07 31.70
CA GLU B 204 33.88 -7.36 32.69
C GLU B 204 34.54 -7.43 34.07
N LEU B 205 34.03 -6.60 34.98
CA LEU B 205 34.68 -6.37 36.26
C LEU B 205 33.66 -6.55 37.35
N ILE B 206 34.11 -7.08 38.49
CA ILE B 206 33.35 -7.06 39.73
C ILE B 206 34.16 -6.23 40.72
N LYS B 207 33.48 -5.41 41.51
CA LYS B 207 34.15 -4.63 42.53
C LYS B 207 33.33 -4.79 43.79
N ARG B 208 33.85 -5.50 44.77
CA ARG B 208 33.23 -5.58 46.07
C ARG B 208 33.50 -4.26 46.80
N ILE B 209 32.44 -3.69 47.36
CA ILE B 209 32.54 -2.43 48.05
C ILE B 209 32.84 -2.69 49.52
N GLU B 210 33.98 -2.21 50.02
CA GLU B 210 34.40 -2.51 51.38
C GLU B 210 34.37 -1.27 52.25
N PRO B 211 34.15 -1.42 53.55
CA PRO B 211 34.29 -0.29 54.47
C PRO B 211 35.75 0.18 54.51
N ARG B 212 35.95 1.43 54.93
CA ARG B 212 37.29 1.99 55.05
C ARG B 212 38.17 1.20 56.03
N GLU C 1 -24.04 -16.36 -5.77
CA GLU C 1 -25.20 -15.47 -6.08
C GLU C 1 -24.84 -13.99 -5.99
N VAL C 2 -23.55 -13.67 -6.14
CA VAL C 2 -23.10 -12.28 -6.19
C VAL C 2 -23.60 -11.61 -7.46
N LYS C 3 -24.38 -10.54 -7.31
CA LYS C 3 -24.99 -9.87 -8.44
C LYS C 3 -24.82 -8.35 -8.35
N LEU C 4 -24.52 -7.73 -9.48
CA LEU C 4 -24.47 -6.27 -9.56
C LEU C 4 -25.22 -5.85 -10.81
N LEU C 5 -26.34 -5.14 -10.61
CA LEU C 5 -27.17 -4.75 -11.74
C LEU C 5 -27.22 -3.25 -11.79
N GLU C 6 -26.62 -2.66 -12.82
CA GLU C 6 -26.66 -1.22 -12.92
C GLU C 6 -27.90 -0.79 -13.67
N SER C 7 -28.38 0.43 -13.37
CA SER C 7 -29.59 0.97 -13.99
C SER C 7 -29.44 2.48 -14.05
N GLY C 8 -30.41 3.16 -14.67
CA GLY C 8 -30.42 4.61 -14.69
C GLY C 8 -29.88 5.14 -16.00
N GLY C 9 -29.60 4.24 -16.94
CA GLY C 9 -29.14 4.66 -18.26
C GLY C 9 -30.30 5.12 -19.15
N GLY C 10 -30.04 5.16 -20.44
CA GLY C 10 -31.03 5.58 -21.43
C GLY C 10 -30.44 6.71 -22.26
N LEU C 11 -31.21 7.78 -22.40
CA LEU C 11 -30.83 8.89 -23.24
C LEU C 11 -30.96 10.19 -22.44
N VAL C 12 -29.98 11.07 -22.57
CA VAL C 12 -30.05 12.37 -21.92
C VAL C 12 -29.50 13.41 -22.87
N GLN C 13 -29.99 14.64 -22.76
CA GLN C 13 -29.55 15.67 -23.68
C GLN C 13 -28.25 16.28 -23.19
N PRO C 14 -27.42 16.75 -24.11
CA PRO C 14 -26.22 17.47 -23.75
C PRO C 14 -26.51 18.62 -22.80
N GLY C 15 -25.71 18.70 -21.73
CA GLY C 15 -25.90 19.73 -20.73
C GLY C 15 -26.75 19.21 -19.59
N GLY C 16 -27.34 18.05 -19.80
CA GLY C 16 -28.22 17.46 -18.81
C GLY C 16 -27.49 16.77 -17.69
N SER C 17 -28.25 16.22 -16.75
CA SER C 17 -27.68 15.47 -15.65
C SER C 17 -28.35 14.11 -15.63
N GLN C 18 -27.65 13.11 -15.11
CA GLN C 18 -28.13 11.75 -15.06
C GLN C 18 -27.54 11.11 -13.82
N LYS C 19 -28.33 10.28 -13.16
CA LYS C 19 -27.87 9.54 -12.00
C LYS C 19 -27.98 8.05 -12.28
N LEU C 20 -26.84 7.35 -12.23
CA LEU C 20 -26.84 5.90 -12.42
C LEU C 20 -26.82 5.24 -11.05
N SER C 21 -27.32 4.03 -11.01
CA SER C 21 -27.42 3.29 -9.76
C SER C 21 -26.86 1.91 -10.04
N CYS C 22 -26.41 1.25 -8.97
CA CYS C 22 -25.96 -0.13 -9.07
C CYS C 22 -26.40 -0.82 -7.79
N ALA C 23 -27.32 -1.76 -7.93
CA ALA C 23 -27.87 -2.49 -6.79
C ALA C 23 -27.10 -3.79 -6.63
N ALA C 24 -26.51 -3.99 -5.46
CA ALA C 24 -25.65 -5.12 -5.19
C ALA C 24 -26.43 -6.18 -4.44
N SER C 25 -26.14 -7.44 -4.71
CA SER C 25 -26.84 -8.55 -4.07
C SER C 25 -25.88 -9.68 -3.78
N GLY C 26 -26.24 -10.53 -2.82
CA GLY C 26 -25.49 -11.75 -2.58
C GLY C 26 -24.17 -11.55 -1.84
N PHE C 27 -24.03 -10.43 -1.14
CA PHE C 27 -22.85 -10.21 -0.31
C PHE C 27 -23.04 -8.98 0.58
N ASP C 28 -22.23 -8.88 1.63
CA ASP C 28 -22.33 -7.73 2.52
C ASP C 28 -21.73 -6.51 1.84
N PHE C 29 -22.59 -5.76 1.17
CA PHE C 29 -22.19 -4.59 0.40
C PHE C 29 -21.37 -3.60 1.23
N SER C 30 -21.73 -3.45 2.50
CA SER C 30 -21.12 -2.46 3.37
C SER C 30 -19.63 -2.69 3.65
N GLY C 31 -19.08 -3.82 3.19
CA GLY C 31 -17.70 -4.16 3.52
C GLY C 31 -16.68 -4.00 2.41
N TYR C 32 -17.11 -3.50 1.25
CA TYR C 32 -16.24 -3.48 0.08
C TYR C 32 -16.12 -2.10 -0.55
N TRP C 33 -14.95 -1.81 -1.11
CA TRP C 33 -14.79 -0.67 -2.00
C TRP C 33 -15.62 -0.91 -3.28
N MET C 34 -16.11 0.16 -3.89
CA MET C 34 -16.89 0.06 -5.12
C MET C 34 -16.41 1.09 -6.12
N SER C 35 -16.54 0.77 -7.41
CA SER C 35 -15.97 1.59 -8.47
C SER C 35 -16.91 1.68 -9.67
N TRP C 36 -16.68 2.72 -10.47
CA TRP C 36 -17.32 2.90 -11.75
C TRP C 36 -16.25 2.96 -12.84
N VAL C 37 -16.50 2.22 -13.91
CA VAL C 37 -15.64 2.21 -15.08
C VAL C 37 -16.55 2.29 -16.30
N ARG C 38 -16.16 3.03 -17.33
CA ARG C 38 -16.97 3.10 -18.53
C ARG C 38 -16.20 2.70 -19.79
N GLN C 39 -16.97 2.26 -20.79
CA GLN C 39 -16.44 1.92 -22.09
C GLN C 39 -17.25 2.59 -23.19
N ALA C 40 -16.67 3.60 -23.82
CA ALA C 40 -17.32 4.25 -24.95
C ALA C 40 -17.41 3.25 -26.09
N PRO C 41 -18.40 3.42 -26.97
CA PRO C 41 -18.61 2.49 -28.07
C PRO C 41 -17.35 2.32 -28.92
N GLY C 42 -16.96 1.07 -29.13
CA GLY C 42 -15.80 0.73 -29.93
C GLY C 42 -14.48 1.14 -29.31
N LYS C 43 -14.48 1.45 -28.03
CA LYS C 43 -13.31 2.03 -27.38
C LYS C 43 -12.88 1.28 -26.13
N GLY C 44 -11.89 1.85 -25.44
CA GLY C 44 -11.25 1.20 -24.31
C GLY C 44 -11.99 1.37 -23.00
N LEU C 45 -11.33 1.01 -21.91
CA LEU C 45 -11.91 1.14 -20.58
C LEU C 45 -11.35 2.40 -19.93
N GLU C 46 -12.23 3.17 -19.30
CA GLU C 46 -11.82 4.39 -18.60
C GLU C 46 -12.38 4.36 -17.19
N TRP C 47 -11.48 4.43 -16.21
CA TRP C 47 -11.85 4.39 -14.82
C TRP C 47 -12.50 5.72 -14.47
N ILE C 48 -13.61 5.69 -13.74
CA ILE C 48 -14.24 6.94 -13.36
C ILE C 48 -13.86 7.29 -11.93
N GLY C 49 -13.98 6.32 -11.05
CA GLY C 49 -13.70 6.59 -9.66
C GLY C 49 -14.06 5.42 -8.78
N GLU C 50 -13.79 5.57 -7.49
CA GLU C 50 -14.05 4.53 -6.50
C GLU C 50 -14.42 5.18 -5.17
N ILE C 51 -15.03 4.40 -4.29
CA ILE C 51 -15.44 4.89 -2.97
C ILE C 51 -15.26 3.76 -1.96
N ASN C 52 -14.74 4.08 -0.79
CA ASN C 52 -14.51 3.05 0.23
C ASN C 52 -15.80 2.68 0.96
N PRO C 53 -15.76 1.65 1.80
CA PRO C 53 -16.95 1.17 2.48
C PRO C 53 -17.78 2.23 3.21
N ASP C 54 -17.14 3.13 3.97
CA ASP C 54 -17.88 4.10 4.77
C ASP C 54 -17.88 5.51 4.17
N SER C 55 -17.60 5.60 2.87
CA SER C 55 -17.74 6.83 2.10
C SER C 55 -16.79 7.95 2.53
N SER C 56 -15.83 7.63 3.38
CA SER C 56 -14.89 8.62 3.88
C SER C 56 -13.80 8.94 2.86
N THR C 57 -13.64 8.07 1.87
CA THR C 57 -12.66 8.28 0.83
C THR C 57 -13.28 8.02 -0.53
N ILE C 58 -13.11 8.98 -1.44
CA ILE C 58 -13.61 8.90 -2.80
C ILE C 58 -12.54 9.43 -3.73
N ASN C 59 -12.13 8.61 -4.69
CA ASN C 59 -11.13 9.00 -5.67
C ASN C 59 -11.71 8.99 -7.07
N TYR C 60 -11.27 9.95 -7.89
CA TYR C 60 -11.74 10.12 -9.26
C TYR C 60 -10.56 10.18 -10.22
N THR C 61 -10.81 9.85 -11.48
CA THR C 61 -9.92 10.25 -12.56
C THR C 61 -9.91 11.78 -12.57
N PRO C 62 -8.73 12.38 -12.61
CA PRO C 62 -8.61 13.84 -12.53
C PRO C 62 -9.55 14.61 -13.46
N SER C 63 -9.71 14.12 -14.69
CA SER C 63 -10.54 14.79 -15.68
C SER C 63 -12.02 14.83 -15.31
N LEU C 64 -12.43 13.95 -14.39
CA LEU C 64 -13.84 13.77 -14.08
C LEU C 64 -14.21 14.29 -12.70
N LYS C 65 -13.20 14.61 -11.89
CA LYS C 65 -13.39 14.79 -10.45
C LYS C 65 -14.34 15.91 -10.05
N ASP C 66 -14.46 16.94 -10.88
CA ASP C 66 -15.32 18.07 -10.53
C ASP C 66 -16.69 18.03 -11.20
N LYS C 67 -16.96 16.97 -11.96
CA LYS C 67 -18.17 16.87 -12.77
C LYS C 67 -19.10 15.77 -12.29
N PHE C 68 -18.50 14.66 -11.85
CA PHE C 68 -19.27 13.51 -11.41
C PHE C 68 -19.16 13.39 -9.90
N ILE C 69 -20.18 12.79 -9.28
CA ILE C 69 -20.15 12.48 -7.85
C ILE C 69 -20.50 11.02 -7.61
N ILE C 70 -19.61 10.30 -6.94
CA ILE C 70 -19.86 8.93 -6.55
C ILE C 70 -20.34 8.89 -5.10
N SER C 71 -21.35 8.06 -4.82
CA SER C 71 -21.83 7.91 -3.46
C SER C 71 -22.41 6.53 -3.34
N ARG C 72 -22.81 6.17 -2.13
CA ARG C 72 -23.35 4.85 -1.87
C ARG C 72 -24.27 4.95 -0.68
N ASP C 73 -25.26 4.06 -0.61
CA ASP C 73 -26.17 3.96 0.53
C ASP C 73 -26.14 2.53 1.03
N ASN C 74 -25.37 2.27 2.09
CA ASN C 74 -25.09 0.91 2.50
C ASN C 74 -26.32 0.10 2.89
N ALA C 75 -27.29 0.75 3.52
CA ALA C 75 -28.55 0.12 3.90
C ALA C 75 -29.34 -0.35 2.67
N LYS C 76 -29.27 0.42 1.59
CA LYS C 76 -30.01 0.10 0.37
C LYS C 76 -29.20 -0.80 -0.58
N ASN C 77 -27.95 -1.07 -0.23
CA ASN C 77 -27.10 -1.93 -1.05
C ASN C 77 -26.84 -1.32 -2.42
N THR C 78 -26.76 0.00 -2.48
CA THR C 78 -26.67 0.67 -3.78
C THR C 78 -25.48 1.60 -3.89
N LEU C 79 -24.91 1.64 -5.10
CA LEU C 79 -23.84 2.55 -5.48
C LEU C 79 -24.45 3.51 -6.50
N TYR C 80 -24.01 4.77 -6.45
CA TYR C 80 -24.56 5.80 -7.34
C TYR C 80 -23.47 6.54 -8.07
N LEU C 81 -23.84 7.08 -9.23
CA LEU C 81 -22.97 7.98 -9.97
C LEU C 81 -23.84 9.12 -10.50
N GLN C 82 -23.60 10.32 -10.00
CA GLN C 82 -24.33 11.49 -10.46
C GLN C 82 -23.43 12.21 -11.45
N MET C 83 -23.97 12.43 -12.65
CA MET C 83 -23.23 13.11 -13.71
C MET C 83 -23.95 14.42 -13.98
N SER C 84 -23.19 15.47 -14.21
CA SER C 84 -23.75 16.78 -14.52
C SER C 84 -23.13 17.31 -15.79
N LYS C 85 -23.87 18.15 -16.50
CA LYS C 85 -23.39 18.83 -17.70
C LYS C 85 -22.74 17.83 -18.64
N VAL C 86 -23.47 16.75 -18.90
CA VAL C 86 -22.94 15.69 -19.74
C VAL C 86 -22.71 16.16 -21.17
N ARG C 87 -21.83 15.44 -21.84
CA ARG C 87 -21.42 15.75 -23.20
C ARG C 87 -21.46 14.46 -24.02
N SER C 88 -21.42 14.61 -25.34
CA SER C 88 -21.46 13.45 -26.25
C SER C 88 -20.40 12.44 -25.86
N GLU C 89 -19.23 12.91 -25.42
CA GLU C 89 -18.16 12.02 -25.01
C GLU C 89 -18.51 11.14 -23.82
N ASP C 90 -19.62 11.41 -23.15
CA ASP C 90 -20.03 10.63 -22.00
C ASP C 90 -20.91 9.46 -22.42
N THR C 91 -21.21 9.36 -23.72
CA THR C 91 -21.90 8.18 -24.23
C THR C 91 -21.02 6.96 -24.01
N ALA C 92 -21.53 5.97 -23.26
CA ALA C 92 -20.73 4.80 -22.91
C ALA C 92 -21.60 3.78 -22.22
N LEU C 93 -21.08 2.57 -22.15
CA LEU C 93 -21.57 1.56 -21.24
C LEU C 93 -20.87 1.75 -19.90
N TYR C 94 -21.66 1.90 -18.84
CA TYR C 94 -21.12 2.19 -17.51
C TYR C 94 -21.19 0.96 -16.63
N TYR C 95 -20.04 0.53 -16.14
CA TYR C 95 -19.94 -0.66 -15.30
C TYR C 95 -19.70 -0.28 -13.85
N CYS C 96 -20.37 -0.99 -12.97
CA CYS C 96 -20.12 -0.94 -11.55
C CYS C 96 -19.24 -2.16 -11.21
N ALA C 97 -18.29 -1.98 -10.32
CA ALA C 97 -17.37 -3.05 -9.93
C ALA C 97 -17.14 -3.04 -8.43
N ARG C 98 -16.96 -4.24 -7.88
CA ARG C 98 -16.69 -4.44 -6.47
C ARG C 98 -15.18 -4.62 -6.23
N GLU C 99 -14.68 -3.91 -5.23
CA GLU C 99 -13.26 -3.94 -4.84
C GLU C 99 -12.27 -4.42 -5.91
N THR C 100 -11.98 -3.52 -6.85
CA THR C 100 -11.16 -3.83 -8.02
C THR C 100 -9.72 -4.14 -7.66
N GLY C 101 -9.18 -5.18 -8.29
CA GLY C 101 -7.77 -5.54 -8.14
C GLY C 101 -7.50 -6.47 -6.98
N THR C 102 -8.56 -7.04 -6.43
CA THR C 102 -8.45 -7.98 -5.33
C THR C 102 -9.21 -9.25 -5.71
N ARG C 103 -9.21 -10.25 -4.83
CA ARG C 103 -9.92 -11.49 -5.14
C ARG C 103 -11.44 -11.32 -4.97
N PHE C 104 -11.86 -10.10 -4.66
CA PHE C 104 -13.29 -9.79 -4.55
C PHE C 104 -13.77 -9.09 -5.81
N ASP C 105 -12.83 -8.79 -6.70
CA ASP C 105 -13.12 -8.13 -7.96
C ASP C 105 -14.32 -8.79 -8.64
N TYR C 106 -15.26 -7.97 -9.09
CA TYR C 106 -16.44 -8.47 -9.80
C TYR C 106 -17.09 -7.28 -10.47
N TRP C 107 -17.41 -7.41 -11.76
CA TRP C 107 -18.03 -6.32 -12.51
C TRP C 107 -19.44 -6.70 -12.93
N GLY C 108 -20.33 -5.72 -12.91
CA GLY C 108 -21.65 -5.90 -13.51
C GLY C 108 -21.59 -5.87 -15.03
N GLN C 109 -22.73 -6.06 -15.68
CA GLN C 109 -22.78 -6.13 -17.13
C GLN C 109 -23.00 -4.76 -17.76
N GLY C 110 -23.34 -3.78 -16.94
CA GLY C 110 -23.35 -2.40 -17.38
C GLY C 110 -24.72 -1.86 -17.76
N THR C 111 -24.80 -0.55 -17.87
CA THR C 111 -26.01 0.13 -18.35
C THR C 111 -25.50 1.16 -19.36
N THR C 112 -26.20 1.28 -20.49
CA THR C 112 -25.79 2.20 -21.56
C THR C 112 -26.41 3.57 -21.36
N LEU C 113 -25.58 4.61 -21.48
CA LEU C 113 -26.04 5.97 -21.47
C LEU C 113 -25.63 6.64 -22.77
N THR C 114 -26.58 7.26 -23.45
CA THR C 114 -26.30 8.00 -24.67
C THR C 114 -26.65 9.46 -24.45
N VAL C 115 -25.70 10.34 -24.76
CA VAL C 115 -25.92 11.77 -24.62
C VAL C 115 -26.18 12.31 -26.01
N SER C 116 -27.39 12.75 -26.30
CA SER C 116 -27.70 13.19 -27.66
C SER C 116 -28.98 14.02 -27.61
N SER C 117 -29.18 14.88 -28.60
CA SER C 117 -30.43 15.63 -28.71
C SER C 117 -31.43 14.99 -29.68
N ALA C 118 -31.09 13.81 -30.21
CA ALA C 118 -31.98 13.10 -31.12
C ALA C 118 -33.05 12.45 -30.25
N THR C 119 -34.06 11.88 -30.91
CA THR C 119 -35.19 11.29 -30.20
C THR C 119 -35.07 9.80 -30.14
N THR C 120 -35.30 9.25 -28.97
CA THR C 120 -35.38 7.80 -28.83
C THR C 120 -36.47 7.27 -29.76
N THR C 121 -36.12 6.24 -30.55
CA THR C 121 -36.99 5.68 -31.57
C THR C 121 -37.00 4.17 -31.46
N ALA C 122 -38.19 3.60 -31.42
CA ALA C 122 -38.36 2.17 -31.30
C ALA C 122 -37.99 1.51 -32.64
N PRO C 123 -37.52 0.27 -32.58
CA PRO C 123 -37.24 -0.49 -33.78
C PRO C 123 -38.47 -1.01 -34.52
N SER C 124 -38.33 -1.09 -35.84
CA SER C 124 -39.16 -2.00 -36.61
C SER C 124 -38.41 -3.32 -36.83
N VAL C 125 -39.15 -4.42 -36.85
CA VAL C 125 -38.56 -5.74 -36.96
C VAL C 125 -39.23 -6.48 -38.10
N TYR C 126 -38.42 -6.98 -39.04
CA TYR C 126 -38.94 -7.73 -40.17
C TYR C 126 -38.30 -9.12 -40.27
N PRO C 127 -39.07 -10.09 -40.75
CA PRO C 127 -38.59 -11.46 -40.79
C PRO C 127 -37.67 -11.63 -41.97
N LEU C 128 -36.64 -12.46 -41.82
CA LEU C 128 -35.81 -12.83 -42.95
C LEU C 128 -36.05 -14.32 -43.22
N VAL C 129 -36.71 -14.60 -44.33
CA VAL C 129 -37.06 -15.96 -44.67
C VAL C 129 -36.60 -16.25 -46.09
N PRO C 130 -36.18 -17.49 -46.34
CA PRO C 130 -35.71 -17.86 -47.66
C PRO C 130 -36.78 -17.63 -48.71
N GLY C 131 -36.36 -17.16 -49.88
CA GLY C 131 -37.26 -17.05 -51.02
C GLY C 131 -37.88 -18.40 -51.33
N GLY C 132 -32.10 -27.15 -48.81
CA GLY C 132 -30.95 -27.78 -48.16
C GLY C 132 -31.35 -28.52 -46.91
N SER C 133 -30.37 -29.11 -46.22
CA SER C 133 -30.65 -29.88 -45.01
C SER C 133 -30.99 -28.96 -43.85
N SER C 134 -30.35 -27.80 -43.82
CA SER C 134 -30.62 -26.81 -42.78
C SER C 134 -31.15 -25.52 -43.38
N VAL C 135 -31.87 -24.76 -42.57
CA VAL C 135 -32.45 -23.51 -43.03
C VAL C 135 -31.98 -22.37 -42.16
N THR C 136 -31.61 -21.26 -42.80
CA THR C 136 -31.21 -20.06 -42.08
C THR C 136 -32.35 -19.05 -42.09
N LEU C 137 -32.77 -18.65 -40.89
CA LEU C 137 -33.85 -17.70 -40.70
C LEU C 137 -33.30 -16.52 -39.91
N GLY C 138 -33.98 -15.39 -39.96
CA GLY C 138 -33.54 -14.27 -39.15
C GLY C 138 -34.57 -13.20 -38.94
N CYS C 139 -34.13 -12.14 -38.27
CA CYS C 139 -34.92 -10.93 -38.21
C CYS C 139 -34.03 -9.73 -38.34
N LEU C 140 -34.51 -8.80 -39.15
CA LEU C 140 -33.88 -7.53 -39.38
C LEU C 140 -34.50 -6.51 -38.43
N VAL C 141 -33.67 -5.87 -37.62
CA VAL C 141 -34.14 -4.90 -36.64
C VAL C 141 -33.61 -3.56 -37.08
N LYS C 142 -34.50 -2.63 -37.41
CA LYS C 142 -34.03 -1.39 -38.00
C LYS C 142 -34.70 -0.12 -37.47
N GLY C 143 -34.06 1.01 -37.74
CA GLY C 143 -34.63 2.33 -37.45
C GLY C 143 -34.57 2.79 -36.02
N TYR C 144 -33.78 2.14 -35.18
CA TYR C 144 -33.80 2.46 -33.75
C TYR C 144 -32.70 3.40 -33.30
N PHE C 145 -32.97 4.07 -32.18
CA PHE C 145 -32.03 4.95 -31.55
C PHE C 145 -32.44 5.16 -30.09
N PRO C 146 -31.49 5.14 -29.15
CA PRO C 146 -30.08 4.80 -29.35
C PRO C 146 -29.79 3.32 -29.19
N GLU C 147 -28.52 2.97 -29.06
CA GLU C 147 -28.14 1.59 -28.78
C GLU C 147 -28.41 1.28 -27.31
N PRO C 148 -28.53 0.00 -26.95
CA PRO C 148 -28.55 -1.12 -27.86
C PRO C 148 -29.92 -1.77 -28.07
N VAL C 149 -29.95 -2.83 -28.86
CA VAL C 149 -31.04 -3.79 -28.81
C VAL C 149 -30.49 -5.16 -28.47
N THR C 150 -31.36 -6.04 -27.98
CA THR C 150 -31.05 -7.43 -27.73
C THR C 150 -31.95 -8.28 -28.60
N VAL C 151 -31.41 -9.37 -29.17
CA VAL C 151 -32.23 -10.32 -29.91
C VAL C 151 -32.04 -11.71 -29.31
N LYS C 152 -33.14 -12.38 -28.97
CA LYS C 152 -33.11 -13.77 -28.55
C LYS C 152 -34.04 -14.59 -29.43
N TRP C 153 -33.83 -15.91 -29.44
CA TRP C 153 -34.66 -16.81 -30.24
C TRP C 153 -35.35 -17.84 -29.37
N ASN C 154 -36.66 -17.99 -29.57
CA ASN C 154 -37.47 -18.86 -28.73
C ASN C 154 -37.25 -18.58 -27.25
N TYR C 155 -37.30 -17.29 -26.93
CA TYR C 155 -37.20 -16.81 -25.56
C TYR C 155 -35.89 -17.23 -24.94
N GLY C 156 -34.88 -17.46 -25.79
CA GLY C 156 -33.55 -17.84 -25.34
C GLY C 156 -33.27 -19.34 -25.40
N ALA C 157 -34.31 -20.14 -25.64
CA ALA C 157 -34.17 -21.59 -25.70
C ALA C 157 -33.41 -22.05 -26.93
N LEU C 158 -33.33 -21.18 -27.93
CA LEU C 158 -32.56 -21.47 -29.13
C LEU C 158 -31.32 -20.57 -29.14
N SER C 159 -30.15 -21.14 -28.88
CA SER C 159 -28.93 -20.32 -28.77
C SER C 159 -27.78 -20.82 -29.63
N SER C 160 -27.65 -22.13 -29.77
CA SER C 160 -26.69 -22.69 -30.70
C SER C 160 -27.08 -22.32 -32.12
N GLY C 161 -26.12 -21.82 -32.90
CA GLY C 161 -26.38 -21.46 -34.28
C GLY C 161 -26.92 -20.05 -34.47
N VAL C 162 -27.06 -19.29 -33.38
CA VAL C 162 -27.51 -17.90 -33.48
C VAL C 162 -26.31 -17.04 -33.83
N ARG C 163 -26.50 -16.14 -34.78
CA ARG C 163 -25.44 -15.24 -35.23
C ARG C 163 -26.00 -13.83 -35.29
N THR C 164 -25.50 -12.96 -34.42
CA THR C 164 -25.99 -11.59 -34.39
C THR C 164 -24.83 -10.66 -34.72
N VAL C 165 -24.94 -9.94 -35.82
CA VAL C 165 -23.86 -9.10 -36.28
C VAL C 165 -23.89 -7.74 -35.59
N SER C 166 -22.83 -6.95 -35.75
CA SER C 166 -22.80 -5.66 -35.09
C SER C 166 -23.77 -4.70 -35.75
N SER C 167 -24.25 -3.75 -34.96
CA SER C 167 -25.15 -2.73 -35.45
C SER C 167 -24.41 -1.80 -36.38
N VAL C 168 -25.15 -1.13 -37.25
CA VAL C 168 -24.57 -0.05 -38.05
C VAL C 168 -25.47 1.17 -37.97
N LEU C 169 -24.84 2.32 -37.82
CA LEU C 169 -25.51 3.62 -37.77
C LEU C 169 -25.57 4.22 -39.17
N GLN C 170 -26.77 4.57 -39.62
CA GLN C 170 -26.95 5.16 -40.94
C GLN C 170 -28.07 6.18 -40.83
N SER C 171 -27.77 7.40 -41.22
CA SER C 171 -28.79 8.45 -41.29
C SER C 171 -29.52 8.66 -39.98
N GLY C 172 -28.78 8.50 -38.88
CA GLY C 172 -29.31 8.81 -37.56
C GLY C 172 -29.87 7.62 -36.83
N PHE C 173 -29.95 6.47 -37.48
CA PHE C 173 -30.60 5.33 -36.84
C PHE C 173 -29.78 4.06 -37.06
N TYR C 174 -29.95 3.12 -36.14
CA TYR C 174 -29.21 1.88 -36.18
C TYR C 174 -30.00 0.76 -36.79
N SER C 175 -29.26 -0.19 -37.35
CA SER C 175 -29.88 -1.46 -37.74
C SER C 175 -28.98 -2.65 -37.47
N LEU C 176 -29.59 -3.82 -37.35
CA LEU C 176 -28.81 -5.05 -37.31
C LEU C 176 -29.68 -6.22 -37.71
N SER C 177 -29.03 -7.33 -38.00
CA SER C 177 -29.72 -8.57 -38.34
C SER C 177 -29.23 -9.66 -37.40
N SER C 178 -30.16 -10.50 -36.98
CA SER C 178 -29.86 -11.67 -36.15
C SER C 178 -30.38 -12.87 -36.89
N LEU C 179 -29.54 -13.90 -36.98
CA LEU C 179 -29.89 -15.07 -37.77
C LEU C 179 -29.70 -16.33 -36.95
N VAL C 180 -30.43 -17.37 -37.31
CA VAL C 180 -30.30 -18.66 -36.66
C VAL C 180 -30.45 -19.75 -37.74
N THR C 181 -29.61 -20.78 -37.64
CA THR C 181 -29.72 -21.93 -38.53
C THR C 181 -30.39 -23.05 -37.74
N VAL C 182 -31.43 -23.64 -38.32
CA VAL C 182 -32.16 -24.73 -37.70
C VAL C 182 -32.36 -25.84 -38.74
N PRO C 183 -32.66 -27.06 -38.31
CA PRO C 183 -32.93 -28.15 -39.24
C PRO C 183 -34.28 -28.01 -39.95
N SER C 184 -34.32 -28.41 -41.22
CA SER C 184 -35.56 -28.44 -41.98
C SER C 184 -36.65 -29.21 -41.25
N SER C 185 -36.22 -30.23 -40.51
CA SER C 185 -37.12 -31.06 -39.72
C SER C 185 -37.75 -30.32 -38.54
N THR C 186 -37.21 -29.16 -38.18
CA THR C 186 -37.78 -28.35 -37.10
C THR C 186 -38.62 -27.17 -37.59
N TRP C 187 -38.23 -26.56 -38.71
CA TRP C 187 -38.97 -25.42 -39.27
C TRP C 187 -39.33 -25.67 -40.73
N PRO C 188 -40.56 -25.36 -41.13
CA PRO C 188 -41.56 -24.67 -40.30
C PRO C 188 -42.47 -25.55 -39.42
N SER C 189 -42.13 -26.82 -39.21
CA SER C 189 -42.98 -27.69 -38.41
C SER C 189 -43.06 -27.31 -36.93
N GLN C 190 -42.06 -26.58 -36.45
CA GLN C 190 -42.11 -26.04 -35.09
C GLN C 190 -42.02 -24.51 -35.13
N THR C 191 -42.44 -23.90 -34.04
CA THR C 191 -42.46 -22.43 -33.93
C THR C 191 -41.07 -21.86 -33.79
N VAL C 192 -40.76 -20.85 -34.59
CA VAL C 192 -39.54 -20.09 -34.38
C VAL C 192 -39.87 -18.61 -34.27
N ILE C 193 -39.43 -18.01 -33.17
CA ILE C 193 -39.79 -16.65 -32.79
C ILE C 193 -38.52 -15.91 -32.46
N CYS C 194 -38.40 -14.67 -32.94
CA CYS C 194 -37.35 -13.82 -32.41
C CYS C 194 -37.96 -12.85 -31.40
N ASN C 195 -37.24 -12.66 -30.31
CA ASN C 195 -37.62 -11.76 -29.22
C ASN C 195 -36.69 -10.55 -29.27
N VAL C 196 -37.25 -9.37 -29.49
CA VAL C 196 -36.43 -8.19 -29.64
C VAL C 196 -36.77 -7.18 -28.53
N ALA C 197 -35.72 -6.66 -27.90
CA ALA C 197 -35.83 -5.67 -26.84
C ALA C 197 -34.97 -4.46 -27.14
N HIS C 198 -35.55 -3.29 -26.88
CA HIS C 198 -34.88 -2.02 -27.02
C HIS C 198 -35.09 -1.22 -25.74
N PRO C 199 -34.14 -1.33 -24.81
CA PRO C 199 -34.29 -0.78 -23.46
C PRO C 199 -34.66 0.71 -23.38
N ALA C 200 -34.05 1.52 -24.22
CA ALA C 200 -34.29 2.95 -24.17
C ALA C 200 -35.76 3.36 -24.38
N SER C 201 -36.49 2.61 -25.20
CA SER C 201 -37.91 2.87 -25.44
C SER C 201 -38.80 1.89 -24.70
N LYS C 202 -38.16 1.02 -23.93
CA LYS C 202 -38.86 -0.07 -23.26
C LYS C 202 -39.75 -0.90 -24.20
N THR C 203 -39.22 -1.15 -25.39
CA THR C 203 -39.89 -1.92 -26.42
C THR C 203 -39.56 -3.37 -26.22
N GLU C 204 -40.58 -4.22 -26.30
CA GLU C 204 -40.41 -5.65 -26.26
C GLU C 204 -41.30 -6.17 -27.38
N LEU C 205 -40.73 -6.96 -28.28
CA LEU C 205 -41.41 -7.38 -29.50
C LEU C 205 -41.16 -8.86 -29.68
N ILE C 206 -42.18 -9.58 -30.18
CA ILE C 206 -42.01 -10.95 -30.65
C ILE C 206 -42.38 -10.98 -32.14
N LYS C 207 -41.57 -11.65 -32.95
CA LYS C 207 -41.92 -11.88 -34.35
C LYS C 207 -41.83 -13.37 -34.62
N ARG C 208 -42.95 -13.98 -34.98
CA ARG C 208 -42.92 -15.37 -35.43
C ARG C 208 -42.43 -15.42 -36.87
N ILE C 209 -41.50 -16.33 -37.13
CA ILE C 209 -40.91 -16.45 -38.45
C ILE C 209 -41.69 -17.52 -39.21
N GLU C 210 -42.42 -17.12 -40.25
CA GLU C 210 -43.25 -18.05 -41.00
C GLU C 210 -42.87 -18.09 -42.48
N PRO C 211 -43.10 -19.21 -43.15
CA PRO C 211 -42.84 -19.31 -44.58
C PRO C 211 -43.53 -18.19 -45.35
N ARG C 212 -42.92 -17.73 -46.43
CA ARG C 212 -43.57 -16.72 -47.26
C ARG C 212 -44.55 -17.36 -48.22
N ASP D 1 -1.08 10.78 -16.21
CA ASP D 1 -1.58 9.39 -15.97
C ASP D 1 -0.64 8.41 -16.64
N ILE D 2 -0.57 7.18 -16.13
CA ILE D 2 0.28 6.15 -16.70
C ILE D 2 -0.42 5.49 -17.88
N VAL D 3 0.25 5.50 -19.03
CA VAL D 3 -0.30 4.95 -20.26
C VAL D 3 0.09 3.49 -20.41
N MET D 4 -0.92 2.62 -20.50
CA MET D 4 -0.70 1.20 -20.77
C MET D 4 -0.93 0.92 -22.25
N THR D 5 0.01 0.23 -22.89
CA THR D 5 -0.05 0.03 -24.34
C THR D 5 0.00 -1.44 -24.72
N GLN D 6 -1.04 -1.92 -25.40
CA GLN D 6 -1.01 -3.26 -25.98
C GLN D 6 -1.57 -3.23 -27.39
N ALA D 7 -1.06 -4.11 -28.24
CA ALA D 7 -1.52 -4.22 -29.61
C ALA D 7 -2.97 -4.66 -29.62
N ALA D 8 -3.72 -4.19 -30.63
CA ALA D 8 -5.13 -4.51 -30.74
C ALA D 8 -5.37 -5.98 -31.08
N PHE D 9 -4.51 -6.51 -31.95
CA PHE D 9 -4.66 -7.87 -32.43
C PHE D 9 -3.40 -8.71 -32.17
N SER D 10 -3.61 -10.00 -31.92
CA SER D 10 -2.51 -10.94 -31.82
C SER D 10 -2.60 -11.94 -32.97
N ASN D 11 -1.51 -12.67 -33.20
CA ASN D 11 -1.50 -13.73 -34.20
C ASN D 11 -2.44 -14.85 -33.80
N PRO D 12 -3.21 -15.36 -34.76
CA PRO D 12 -4.09 -16.49 -34.53
C PRO D 12 -3.37 -17.69 -33.90
N VAL D 13 -3.99 -18.30 -32.90
CA VAL D 13 -3.32 -19.32 -32.08
C VAL D 13 -4.03 -20.67 -32.17
N THR D 14 -3.23 -21.73 -32.38
CA THR D 14 -3.74 -23.09 -32.49
C THR D 14 -4.28 -23.63 -31.16
N LEU D 15 -5.46 -24.22 -31.21
CA LEU D 15 -6.05 -24.85 -30.02
C LEU D 15 -5.12 -25.86 -29.37
N GLY D 16 -4.99 -25.76 -28.05
CA GLY D 16 -4.13 -26.66 -27.29
C GLY D 16 -2.71 -26.15 -27.09
N THR D 17 -2.35 -25.09 -27.80
CA THR D 17 -1.02 -24.51 -27.64
C THR D 17 -1.06 -23.30 -26.69
N SER D 18 0.01 -22.51 -26.70
CA SER D 18 0.17 -21.43 -25.75
C SER D 18 0.07 -20.08 -26.46
N ALA D 19 -0.58 -19.12 -25.82
CA ALA D 19 -0.72 -17.78 -26.37
C ALA D 19 0.02 -16.78 -25.49
N SER D 20 0.55 -15.72 -26.11
CA SER D 20 1.25 -14.68 -25.39
C SER D 20 0.73 -13.28 -25.72
N ILE D 21 0.12 -12.64 -24.74
CA ILE D 21 -0.36 -11.26 -24.88
C ILE D 21 0.62 -10.30 -24.22
N SER D 22 1.03 -9.27 -24.96
CA SER D 22 2.02 -8.31 -24.47
C SER D 22 1.38 -7.01 -23.98
N CYS D 23 2.09 -6.34 -23.07
CA CYS D 23 1.66 -5.05 -22.55
C CYS D 23 2.90 -4.28 -22.10
N ARG D 24 2.93 -2.98 -22.36
CA ARG D 24 3.98 -2.13 -21.81
C ARG D 24 3.37 -0.93 -21.10
N SER D 25 4.08 -0.41 -20.10
CA SER D 25 3.63 0.75 -19.34
C SER D 25 4.65 1.88 -19.42
N SER D 26 4.16 3.12 -19.50
CA SER D 26 5.01 4.30 -19.64
C SER D 26 5.92 4.53 -18.43
N LYS D 27 5.54 3.99 -17.29
CA LYS D 27 6.29 4.14 -16.05
C LYS D 27 6.36 2.79 -15.37
N SER D 28 7.38 2.58 -14.56
CA SER D 28 7.54 1.30 -13.88
C SER D 28 6.40 1.04 -12.91
N LEU D 29 5.84 -0.15 -13.00
CA LEU D 29 4.75 -0.56 -12.12
C LEU D 29 5.29 -1.29 -10.90
N LEU D 30 6.61 -1.38 -10.83
CA LEU D 30 7.28 -1.97 -9.68
C LEU D 30 7.47 -0.91 -8.61
N TYR D 31 6.84 -1.12 -7.46
CA TYR D 31 6.85 -0.14 -6.39
C TYR D 31 8.01 -0.41 -5.44
N SER D 32 8.14 0.42 -4.42
CA SER D 32 9.20 0.25 -3.42
C SER D 32 8.97 -0.93 -2.49
N ASN D 33 7.78 -1.51 -2.50
CA ASN D 33 7.47 -2.65 -1.64
C ASN D 33 7.71 -4.00 -2.31
N GLY D 34 8.25 -3.97 -3.53
CA GLY D 34 8.58 -5.19 -4.25
C GLY D 34 7.48 -5.73 -5.18
N ILE D 35 6.26 -5.27 -5.00
CA ILE D 35 5.13 -5.76 -5.78
C ILE D 35 4.93 -4.94 -7.05
N THR D 36 4.52 -5.61 -8.12
CA THR D 36 4.26 -4.95 -9.40
C THR D 36 2.75 -4.83 -9.58
N TYR D 37 2.28 -3.60 -9.75
CA TYR D 37 0.85 -3.31 -9.69
C TYR D 37 0.20 -3.41 -11.07
N LEU D 38 0.32 -4.60 -11.65
CA LEU D 38 -0.18 -4.94 -12.99
C LEU D 38 -1.30 -5.97 -12.87
N TYR D 39 -2.32 -5.80 -13.71
CA TYR D 39 -3.50 -6.66 -13.68
C TYR D 39 -3.84 -7.09 -15.10
N TRP D 40 -4.59 -8.18 -15.20
CA TRP D 40 -5.08 -8.65 -16.49
C TRP D 40 -6.57 -8.96 -16.38
N TYR D 41 -7.32 -8.39 -17.31
CA TYR D 41 -8.77 -8.55 -17.39
C TYR D 41 -9.14 -9.21 -18.71
N LEU D 42 -10.15 -10.08 -18.66
CA LEU D 42 -10.67 -10.73 -19.86
C LEU D 42 -12.06 -10.19 -20.15
N GLN D 43 -12.27 -9.68 -21.36
CA GLN D 43 -13.61 -9.31 -21.81
C GLN D 43 -14.05 -10.17 -22.99
N LYS D 44 -14.90 -11.15 -22.72
CA LYS D 44 -15.43 -12.01 -23.77
C LYS D 44 -16.52 -11.28 -24.56
N PRO D 45 -16.73 -11.69 -25.81
CA PRO D 45 -17.73 -11.07 -26.67
C PRO D 45 -19.07 -10.94 -25.96
N GLY D 46 -19.53 -9.71 -25.77
CA GLY D 46 -20.85 -9.45 -25.22
C GLY D 46 -20.96 -9.44 -23.71
N GLN D 47 -19.84 -9.63 -23.02
CA GLN D 47 -19.81 -9.59 -21.56
C GLN D 47 -18.85 -8.53 -21.06
N SER D 48 -18.95 -8.21 -19.78
CA SER D 48 -18.07 -7.24 -19.15
C SER D 48 -16.74 -7.87 -18.79
N PRO D 49 -15.72 -7.05 -18.59
CA PRO D 49 -14.42 -7.53 -18.11
C PRO D 49 -14.51 -8.39 -16.85
N GLN D 50 -13.62 -9.38 -16.75
CA GLN D 50 -13.45 -10.15 -15.53
C GLN D 50 -11.97 -10.23 -15.23
N LEU D 51 -11.59 -10.09 -13.96
CA LEU D 51 -10.20 -10.12 -13.57
C LEU D 51 -9.65 -11.54 -13.71
N LEU D 52 -8.44 -11.65 -14.28
CA LEU D 52 -7.75 -12.93 -14.43
C LEU D 52 -6.60 -13.04 -13.42
N ILE D 53 -5.76 -12.02 -13.39
CA ILE D 53 -4.58 -11.98 -12.51
C ILE D 53 -4.40 -10.58 -11.93
N TYR D 54 -4.03 -10.52 -10.65
CA TYR D 54 -3.80 -9.25 -9.99
C TYR D 54 -2.40 -9.15 -9.37
N GLN D 55 -1.83 -7.95 -9.47
CA GLN D 55 -0.47 -7.71 -9.01
C GLN D 55 0.47 -8.81 -9.45
N MET D 56 0.41 -9.14 -10.73
CA MET D 56 1.37 -10.01 -11.41
C MET D 56 1.17 -11.51 -11.20
N SER D 57 1.09 -11.95 -9.94
CA SER D 57 1.29 -13.37 -9.64
C SER D 57 0.09 -14.08 -9.01
N ASN D 58 -0.99 -13.36 -8.76
CA ASN D 58 -2.14 -13.94 -8.09
C ASN D 58 -3.26 -14.28 -9.06
N LEU D 59 -3.91 -15.43 -8.83
CA LEU D 59 -5.04 -15.84 -9.65
C LEU D 59 -6.35 -15.47 -8.98
N ALA D 60 -7.31 -14.99 -9.78
CA ALA D 60 -8.62 -14.65 -9.26
C ALA D 60 -9.47 -15.90 -9.01
N SER D 61 -10.48 -15.77 -8.17
CA SER D 61 -11.36 -16.88 -7.84
C SER D 61 -11.78 -17.64 -9.10
N GLY D 62 -11.57 -18.96 -9.08
CA GLY D 62 -12.00 -19.82 -10.18
C GLY D 62 -11.19 -19.78 -11.46
N VAL D 63 -10.11 -19.03 -11.49
CA VAL D 63 -9.29 -18.93 -12.70
C VAL D 63 -8.25 -20.05 -12.72
N PRO D 64 -8.23 -20.83 -13.79
CA PRO D 64 -7.30 -21.95 -13.91
C PRO D 64 -5.86 -21.46 -14.05
N ASP D 65 -4.92 -22.28 -13.61
CA ASP D 65 -3.52 -21.87 -13.51
C ASP D 65 -2.77 -21.90 -14.84
N ARG D 66 -3.47 -22.20 -15.93
CA ARG D 66 -2.86 -22.11 -17.26
C ARG D 66 -2.66 -20.65 -17.65
N PHE D 67 -3.21 -19.74 -16.86
CA PHE D 67 -2.96 -18.32 -17.02
C PHE D 67 -1.79 -17.86 -16.17
N SER D 68 -0.79 -17.27 -16.80
CA SER D 68 0.37 -16.78 -16.07
C SER D 68 0.87 -15.47 -16.66
N SER D 69 1.38 -14.60 -15.79
CA SER D 69 1.93 -13.33 -16.22
C SER D 69 3.32 -13.14 -15.64
N SER D 70 4.19 -12.52 -16.42
CA SER D 70 5.54 -12.22 -15.97
C SER D 70 6.01 -10.97 -16.70
N GLY D 71 7.16 -10.45 -16.31
CA GLY D 71 7.72 -9.29 -16.97
C GLY D 71 8.67 -8.53 -16.07
N SER D 72 9.13 -7.38 -16.54
CA SER D 72 9.98 -6.51 -15.74
C SER D 72 9.10 -5.61 -14.88
N GLY D 73 9.55 -4.37 -14.66
CA GLY D 73 8.69 -3.36 -14.07
C GLY D 73 7.89 -2.63 -15.13
N THR D 74 8.25 -2.85 -16.40
CA THR D 74 7.69 -2.06 -17.50
C THR D 74 7.20 -2.87 -18.70
N ASP D 75 7.69 -4.10 -18.86
CA ASP D 75 7.29 -4.93 -19.98
C ASP D 75 6.79 -6.29 -19.53
N PHE D 76 5.56 -6.62 -19.92
CA PHE D 76 4.84 -7.75 -19.36
C PHE D 76 4.30 -8.68 -20.44
N THR D 77 4.01 -9.91 -20.05
CA THR D 77 3.44 -10.88 -20.95
C THR D 77 2.44 -11.77 -20.21
N LEU D 78 1.22 -11.80 -20.69
CA LEU D 78 0.23 -12.76 -20.20
C LEU D 78 0.38 -14.03 -21.06
N ARG D 79 0.49 -15.17 -20.38
CA ARG D 79 0.66 -16.46 -21.05
C ARG D 79 -0.58 -17.32 -20.78
N ILE D 80 -1.19 -17.80 -21.85
CA ILE D 80 -2.34 -18.69 -21.74
C ILE D 80 -1.96 -20.05 -22.32
N SER D 81 -1.87 -21.05 -21.46
CA SER D 81 -1.50 -22.39 -21.91
C SER D 81 -2.74 -23.20 -22.23
N ARG D 82 -2.57 -24.18 -23.12
CA ARG D 82 -3.64 -25.08 -23.52
C ARG D 82 -4.88 -24.31 -23.92
N VAL D 83 -4.74 -23.41 -24.89
CA VAL D 83 -5.85 -22.54 -25.28
C VAL D 83 -7.08 -23.34 -25.70
N GLU D 84 -8.24 -22.90 -25.22
CA GLU D 84 -9.52 -23.48 -25.59
C GLU D 84 -10.23 -22.55 -26.56
N ALA D 85 -11.23 -23.07 -27.27
CA ALA D 85 -12.00 -22.26 -28.21
C ALA D 85 -12.69 -21.13 -27.44
N GLU D 86 -13.06 -21.42 -26.20
CA GLU D 86 -13.76 -20.45 -25.36
C GLU D 86 -12.86 -19.38 -24.76
N ASP D 87 -11.59 -19.35 -25.16
CA ASP D 87 -10.67 -18.30 -24.68
C ASP D 87 -10.71 -17.04 -25.54
N VAL D 88 -11.43 -17.08 -26.65
CA VAL D 88 -11.52 -15.91 -27.51
C VAL D 88 -12.11 -14.72 -26.75
N GLY D 89 -11.61 -13.53 -27.05
CA GLY D 89 -12.05 -12.32 -26.38
C GLY D 89 -11.00 -11.23 -26.42
N VAL D 90 -11.18 -10.22 -25.58
CA VAL D 90 -10.22 -9.13 -25.48
C VAL D 90 -9.57 -9.18 -24.11
N TYR D 91 -8.25 -9.27 -24.12
CA TYR D 91 -7.46 -9.33 -22.88
C TYR D 91 -6.91 -7.93 -22.61
N TYR D 92 -7.25 -7.37 -21.45
CA TYR D 92 -6.79 -6.03 -21.08
C TYR D 92 -5.75 -6.09 -19.97
N CYS D 93 -4.69 -5.33 -20.11
CA CYS D 93 -3.82 -5.06 -18.97
C CYS D 93 -4.26 -3.75 -18.31
N ALA D 94 -3.74 -3.53 -17.11
CA ALA D 94 -4.18 -2.43 -16.28
C ALA D 94 -3.19 -2.23 -15.14
N GLN D 95 -3.16 -1.02 -14.58
CA GLN D 95 -2.31 -0.72 -13.45
C GLN D 95 -3.06 0.17 -12.45
N ASN D 96 -2.64 0.11 -11.19
CA ASN D 96 -3.09 1.07 -10.17
C ASN D 96 -1.98 1.44 -9.21
N LEU D 97 -0.76 1.52 -9.73
CA LEU D 97 0.36 2.04 -8.96
C LEU D 97 0.04 3.45 -8.50
N GLU D 98 -0.66 4.19 -9.36
CA GLU D 98 -1.05 5.57 -9.11
C GLU D 98 -2.48 5.81 -9.54
N VAL D 99 -3.14 6.76 -8.88
CA VAL D 99 -4.45 7.26 -9.29
C VAL D 99 -4.29 8.13 -10.53
N PRO D 100 -5.09 7.91 -11.57
CA PRO D 100 -6.14 6.89 -11.61
C PRO D 100 -5.70 5.56 -12.18
N TRP D 101 -6.41 4.49 -11.85
CA TRP D 101 -6.33 3.24 -12.59
C TRP D 101 -6.32 3.57 -14.08
N THR D 102 -5.47 2.90 -14.83
CA THR D 102 -5.53 2.97 -16.28
C THR D 102 -5.46 1.59 -16.89
N PHE D 103 -6.03 1.51 -18.09
CA PHE D 103 -6.16 0.26 -18.83
C PHE D 103 -5.47 0.38 -20.17
N GLY D 104 -4.97 -0.74 -20.68
CA GLY D 104 -4.51 -0.83 -22.06
C GLY D 104 -5.71 -0.89 -22.98
N GLY D 105 -5.48 -0.75 -24.28
CA GLY D 105 -6.55 -0.74 -25.27
C GLY D 105 -7.15 -2.11 -25.53
N GLY D 106 -6.47 -3.15 -25.03
CA GLY D 106 -6.93 -4.52 -25.19
C GLY D 106 -6.30 -5.17 -26.42
N THR D 107 -6.05 -6.47 -26.30
CA THR D 107 -5.55 -7.27 -27.40
C THR D 107 -6.55 -8.39 -27.63
N LYS D 108 -6.99 -8.55 -28.88
CA LYS D 108 -7.98 -9.56 -29.23
C LYS D 108 -7.30 -10.91 -29.50
N LEU D 109 -7.77 -11.95 -28.82
CA LEU D 109 -7.27 -13.30 -29.07
C LEU D 109 -8.10 -13.95 -30.17
N GLU D 110 -7.42 -14.42 -31.21
CA GLU D 110 -8.06 -15.15 -32.29
C GLU D 110 -7.59 -16.60 -32.25
N ILE D 111 -8.54 -17.53 -32.30
CA ILE D 111 -8.22 -18.94 -32.45
C ILE D 111 -8.07 -19.24 -33.93
N LYS D 112 -6.97 -19.90 -34.31
CA LYS D 112 -6.83 -20.36 -35.68
C LYS D 112 -7.42 -21.76 -35.80
N ARG D 113 -8.26 -21.94 -36.82
CA ARG D 113 -8.84 -23.24 -37.10
C ARG D 113 -8.70 -23.51 -38.59
N ALA D 114 -9.13 -24.70 -38.99
CA ALA D 114 -9.15 -25.07 -40.40
C ALA D 114 -9.93 -24.05 -41.20
N ASP D 115 -9.40 -23.67 -42.37
CA ASP D 115 -10.10 -22.77 -43.26
C ASP D 115 -11.47 -23.35 -43.62
N ALA D 116 -12.46 -22.48 -43.72
CA ALA D 116 -13.83 -22.91 -44.00
C ALA D 116 -14.56 -21.88 -44.85
N ALA D 117 -15.18 -22.36 -45.93
CA ALA D 117 -15.94 -21.49 -46.82
C ALA D 117 -17.29 -21.16 -46.20
N PRO D 118 -17.83 -19.99 -46.51
CA PRO D 118 -19.13 -19.61 -45.98
C PRO D 118 -20.28 -20.37 -46.64
N THR D 119 -21.36 -20.54 -45.88
CA THR D 119 -22.64 -20.92 -46.44
C THR D 119 -23.35 -19.60 -46.67
N VAL D 120 -23.81 -19.38 -47.89
CA VAL D 120 -24.38 -18.09 -48.25
C VAL D 120 -25.89 -18.17 -48.46
N SER D 121 -26.61 -17.21 -47.89
CA SER D 121 -28.07 -17.16 -47.96
C SER D 121 -28.49 -15.77 -48.43
N ILE D 122 -29.51 -15.68 -49.28
CA ILE D 122 -30.00 -14.36 -49.70
C ILE D 122 -31.50 -14.24 -49.36
N PHE D 123 -31.89 -13.07 -48.88
CA PHE D 123 -33.22 -12.84 -48.34
C PHE D 123 -33.89 -11.67 -49.04
N PRO D 124 -34.93 -11.94 -49.82
CA PRO D 124 -35.71 -10.86 -50.41
C PRO D 124 -36.45 -10.10 -49.31
N PRO D 125 -36.73 -8.83 -49.54
CA PRO D 125 -37.60 -8.07 -48.66
C PRO D 125 -38.88 -8.82 -48.36
N SER D 126 -39.26 -8.88 -47.09
CA SER D 126 -40.55 -9.46 -46.73
C SER D 126 -41.69 -8.54 -47.18
N SER D 127 -42.86 -9.13 -47.43
CA SER D 127 -44.08 -8.36 -47.67
C SER D 127 -44.30 -7.35 -46.54
N GLU D 128 -44.00 -7.77 -45.31
CA GLU D 128 -44.11 -6.87 -44.16
C GLU D 128 -43.28 -5.60 -44.33
N GLN D 129 -42.04 -5.72 -44.79
CA GLN D 129 -41.19 -4.54 -44.92
C GLN D 129 -41.63 -3.63 -46.07
N LEU D 130 -42.10 -4.22 -47.15
CA LEU D 130 -42.55 -3.44 -48.30
C LEU D 130 -43.74 -2.57 -47.94
N THR D 131 -44.62 -3.06 -47.09
CA THR D 131 -45.73 -2.27 -46.57
C THR D 131 -45.28 -0.96 -45.90
N SER D 132 -44.13 -1.01 -45.25
CA SER D 132 -43.51 0.14 -44.62
C SER D 132 -42.91 1.11 -45.63
N GLY D 133 -42.80 0.69 -46.88
CA GLY D 133 -42.19 1.54 -47.92
C GLY D 133 -40.70 1.35 -48.09
N GLY D 134 -40.15 0.43 -47.31
CA GLY D 134 -38.75 0.06 -47.41
C GLY D 134 -38.54 -1.33 -47.99
N ALA D 135 -37.32 -1.55 -48.47
CA ALA D 135 -36.93 -2.82 -49.04
C ALA D 135 -35.45 -3.02 -48.76
N SER D 136 -35.15 -3.85 -47.76
CA SER D 136 -33.77 -4.20 -47.46
C SER D 136 -33.48 -5.59 -47.98
N VAL D 137 -32.43 -5.73 -48.76
CA VAL D 137 -32.02 -7.05 -49.23
C VAL D 137 -30.79 -7.52 -48.47
N VAL D 138 -30.87 -8.70 -47.86
CA VAL D 138 -29.84 -9.19 -46.97
C VAL D 138 -29.14 -10.41 -47.54
N CYS D 139 -27.81 -10.34 -47.60
CA CYS D 139 -26.97 -11.46 -47.99
C CYS D 139 -26.19 -11.91 -46.76
N PHE D 140 -26.44 -13.13 -46.31
CA PHE D 140 -25.80 -13.64 -45.11
C PHE D 140 -24.75 -14.70 -45.44
N LEU D 141 -23.59 -14.59 -44.80
CA LEU D 141 -22.45 -15.47 -45.04
C LEU D 141 -22.10 -16.12 -43.71
N ASN D 142 -22.33 -17.42 -43.59
CA ASN D 142 -22.32 -18.09 -42.29
C ASN D 142 -21.15 -19.05 -42.07
N ASN D 143 -20.52 -18.92 -40.92
CA ASN D 143 -19.57 -19.89 -40.39
C ASN D 143 -18.37 -20.16 -41.29
N PHE D 144 -17.62 -19.10 -41.58
CA PHE D 144 -16.39 -19.21 -42.35
C PHE D 144 -15.15 -18.81 -41.55
N TYR D 145 -13.99 -19.12 -42.11
CA TYR D 145 -12.70 -18.74 -41.56
C TYR D 145 -11.67 -18.76 -42.70
N PRO D 146 -10.83 -17.74 -42.82
CA PRO D 146 -10.68 -16.69 -41.82
C PRO D 146 -11.66 -15.55 -42.04
N LYS D 147 -11.56 -14.51 -41.20
CA LYS D 147 -12.55 -13.44 -41.14
C LYS D 147 -12.70 -12.65 -42.45
N ASP D 148 -11.59 -12.44 -43.15
CA ASP D 148 -11.64 -11.60 -44.35
C ASP D 148 -12.50 -12.19 -45.45
N ILE D 149 -13.38 -11.37 -46.00
CA ILE D 149 -14.30 -11.80 -47.06
C ILE D 149 -14.81 -10.60 -47.84
N ASN D 150 -15.09 -10.82 -49.12
CA ASN D 150 -15.57 -9.75 -49.99
C ASN D 150 -16.95 -10.10 -50.51
N VAL D 151 -17.81 -9.09 -50.60
CA VAL D 151 -19.15 -9.28 -51.11
C VAL D 151 -19.45 -8.22 -52.17
N LYS D 152 -19.90 -8.69 -53.33
CA LYS D 152 -20.23 -7.82 -54.45
C LYS D 152 -21.71 -7.98 -54.74
N TRP D 153 -22.44 -6.86 -54.83
CA TRP D 153 -23.84 -6.88 -55.19
C TRP D 153 -23.98 -6.57 -56.66
N LYS D 154 -24.83 -7.32 -57.35
CA LYS D 154 -25.16 -6.99 -58.72
C LYS D 154 -26.68 -6.86 -58.83
N ILE D 155 -27.12 -5.72 -59.34
CA ILE D 155 -28.52 -5.50 -59.64
C ILE D 155 -28.67 -5.58 -61.16
N ASP D 156 -29.40 -6.58 -61.63
CA ASP D 156 -29.52 -6.84 -63.07
C ASP D 156 -28.15 -6.87 -63.76
N GLY D 157 -27.18 -7.51 -63.09
CA GLY D 157 -25.86 -7.69 -63.66
C GLY D 157 -24.94 -6.51 -63.48
N SER D 158 -25.47 -5.41 -62.97
CA SER D 158 -24.71 -4.18 -62.78
C SER D 158 -24.26 -4.04 -61.32
N GLU D 159 -22.95 -3.96 -61.14
CA GLU D 159 -22.36 -3.82 -59.82
C GLU D 159 -22.97 -2.62 -59.09
N ARG D 160 -23.25 -2.82 -57.81
CA ARG D 160 -23.79 -1.75 -56.96
C ARG D 160 -22.99 -1.65 -55.67
N GLN D 161 -22.60 -0.43 -55.31
CA GLN D 161 -21.89 -0.18 -54.05
C GLN D 161 -22.67 0.75 -53.13
N ASN D 162 -23.48 1.63 -53.71
CA ASN D 162 -24.25 2.58 -52.91
C ASN D 162 -25.36 1.87 -52.15
N GLY D 163 -25.44 2.14 -50.85
CA GLY D 163 -26.49 1.58 -50.02
C GLY D 163 -26.18 0.19 -49.49
N VAL D 164 -24.91 -0.21 -49.58
CA VAL D 164 -24.49 -1.53 -49.11
C VAL D 164 -23.68 -1.39 -47.82
N LEU D 165 -24.06 -2.12 -46.78
CA LEU D 165 -23.25 -2.14 -45.57
C LEU D 165 -23.04 -3.56 -45.08
N ASN D 166 -21.82 -3.82 -44.63
CA ASN D 166 -21.43 -5.12 -44.11
C ASN D 166 -21.18 -5.07 -42.62
N SER D 167 -21.55 -6.14 -41.93
CA SER D 167 -21.27 -6.25 -40.52
C SER D 167 -20.98 -7.69 -40.12
N TRP D 168 -20.02 -7.88 -39.20
CA TRP D 168 -19.54 -9.19 -38.81
C TRP D 168 -19.97 -9.57 -37.39
N THR D 169 -19.93 -10.87 -37.09
CA THR D 169 -19.99 -11.33 -35.71
C THR D 169 -18.55 -11.40 -35.18
N ASP D 170 -18.41 -11.49 -33.86
CA ASP D 170 -17.12 -11.86 -33.29
C ASP D 170 -16.90 -13.35 -33.48
N GLN D 171 -15.67 -13.80 -33.33
CA GLN D 171 -15.35 -15.21 -33.56
C GLN D 171 -16.14 -16.11 -32.61
N ASP D 172 -16.76 -17.14 -33.15
CA ASP D 172 -17.61 -18.01 -32.35
C ASP D 172 -16.86 -18.71 -31.21
N SER D 173 -17.49 -18.69 -30.04
CA SER D 173 -17.01 -19.38 -28.85
C SER D 173 -16.73 -20.87 -29.04
N LYS D 174 -17.54 -21.53 -29.87
CA LYS D 174 -17.50 -22.99 -30.01
C LYS D 174 -16.70 -23.46 -31.22
N ASP D 175 -17.13 -23.07 -32.40
CA ASP D 175 -16.49 -23.55 -33.62
C ASP D 175 -15.47 -22.56 -34.19
N SER D 176 -15.26 -21.46 -33.49
CA SER D 176 -14.19 -20.50 -33.84
C SER D 176 -14.32 -19.93 -35.25
N THR D 177 -15.53 -19.89 -35.79
CA THR D 177 -15.78 -19.27 -37.10
C THR D 177 -16.31 -17.84 -36.97
N TYR D 178 -16.48 -17.20 -38.14
CA TYR D 178 -17.16 -15.93 -38.26
C TYR D 178 -18.39 -16.00 -39.16
N SER D 179 -19.28 -15.02 -39.00
CA SER D 179 -20.38 -14.79 -39.95
C SER D 179 -20.49 -13.30 -40.24
N MET D 180 -21.13 -12.96 -41.36
CA MET D 180 -21.30 -11.56 -41.74
C MET D 180 -22.54 -11.34 -42.62
N SER D 181 -23.21 -10.21 -42.42
CA SER D 181 -24.34 -9.86 -43.27
C SER D 181 -23.89 -8.74 -44.17
N SER D 182 -24.37 -8.77 -45.41
CA SER D 182 -24.22 -7.65 -46.32
C SER D 182 -25.64 -7.23 -46.66
N THR D 183 -25.94 -5.97 -46.44
CA THR D 183 -27.31 -5.47 -46.57
C THR D 183 -27.39 -4.34 -47.58
N LEU D 184 -28.32 -4.48 -48.51
CA LEU D 184 -28.60 -3.47 -49.53
C LEU D 184 -29.93 -2.80 -49.19
N THR D 185 -29.86 -1.52 -48.88
CA THR D 185 -31.00 -0.83 -48.33
C THR D 185 -31.60 0.09 -49.39
N LEU D 186 -32.82 -0.22 -49.81
CA LEU D 186 -33.48 0.56 -50.87
C LEU D 186 -34.87 0.98 -50.40
N THR D 187 -35.48 1.92 -51.10
CA THR D 187 -36.91 2.15 -50.91
C THR D 187 -37.67 1.17 -51.77
N LYS D 188 -38.93 0.96 -51.40
CA LYS D 188 -39.83 0.11 -52.16
C LYS D 188 -39.78 0.49 -53.65
N ASP D 189 -39.81 1.79 -53.92
CA ASP D 189 -39.85 2.28 -55.29
C ASP D 189 -38.54 2.03 -56.06
N GLU D 190 -37.40 2.16 -55.40
CA GLU D 190 -36.12 1.80 -56.00
C GLU D 190 -36.08 0.29 -56.25
N TYR D 191 -36.46 -0.49 -55.25
CA TYR D 191 -36.50 -1.95 -55.34
C TYR D 191 -37.33 -2.46 -56.51
N GLU D 192 -38.45 -1.79 -56.78
CA GLU D 192 -39.37 -2.22 -57.82
C GLU D 192 -38.97 -1.71 -59.20
N ARG D 193 -37.77 -1.15 -59.30
CA ARG D 193 -37.25 -0.68 -60.60
C ARG D 193 -36.24 -1.67 -61.20
N HIS D 194 -36.06 -2.80 -60.54
CA HIS D 194 -35.12 -3.81 -60.97
C HIS D 194 -35.70 -5.19 -60.66
N ASN D 195 -35.19 -6.22 -61.33
CA ASN D 195 -35.70 -7.55 -61.08
C ASN D 195 -34.68 -8.49 -60.45
N SER D 196 -33.45 -8.49 -60.96
CA SER D 196 -32.43 -9.44 -60.55
C SER D 196 -31.54 -8.90 -59.43
N TYR D 197 -31.60 -9.56 -58.27
CA TYR D 197 -30.74 -9.21 -57.15
C TYR D 197 -29.75 -10.32 -56.84
N THR D 198 -28.46 -9.99 -56.92
CA THR D 198 -27.40 -10.99 -56.83
C THR D 198 -26.31 -10.55 -55.84
N CYS D 199 -25.93 -11.45 -54.93
CA CYS D 199 -24.74 -11.20 -54.12
C CYS D 199 -23.70 -12.30 -54.36
N GLU D 200 -22.43 -11.90 -54.40
CA GLU D 200 -21.33 -12.80 -54.74
C GLU D 200 -20.28 -12.77 -53.64
N ALA D 201 -20.04 -13.91 -53.02
CA ALA D 201 -19.08 -14.00 -51.90
C ALA D 201 -17.75 -14.59 -52.35
N THR D 202 -16.67 -13.86 -52.07
CA THR D 202 -15.32 -14.31 -52.41
C THR D 202 -14.47 -14.49 -51.14
N HIS D 203 -14.05 -15.73 -50.90
CA HIS D 203 -13.31 -16.12 -49.71
C HIS D 203 -12.12 -16.96 -50.15
N LYS D 204 -11.02 -16.89 -49.42
CA LYS D 204 -9.77 -17.50 -49.88
C LYS D 204 -9.87 -19.00 -50.05
N THR D 205 -10.96 -19.59 -49.57
CA THR D 205 -11.16 -21.03 -49.70
C THR D 205 -11.44 -21.46 -51.14
N SER D 206 -11.77 -20.51 -52.00
CA SER D 206 -11.98 -20.81 -53.41
C SER D 206 -11.76 -19.59 -54.29
N THR D 207 -11.38 -19.84 -55.53
CA THR D 207 -11.14 -18.78 -56.51
C THR D 207 -12.47 -18.37 -57.13
N SER D 208 -13.42 -19.30 -57.11
CA SER D 208 -14.77 -19.05 -57.61
C SER D 208 -15.66 -18.44 -56.53
N PRO D 209 -16.29 -17.31 -56.83
CA PRO D 209 -17.25 -16.71 -55.90
C PRO D 209 -18.47 -17.62 -55.71
N ILE D 210 -19.02 -17.60 -54.50
CA ILE D 210 -20.31 -18.24 -54.27
C ILE D 210 -21.39 -17.21 -54.60
N VAL D 211 -22.31 -17.57 -55.48
CA VAL D 211 -23.27 -16.63 -56.03
C VAL D 211 -24.69 -17.02 -55.60
N LYS D 212 -25.41 -16.08 -55.00
CA LYS D 212 -26.82 -16.31 -54.69
C LYS D 212 -27.63 -15.17 -55.28
N SER D 213 -28.82 -15.47 -55.79
CA SER D 213 -29.64 -14.44 -56.37
C SER D 213 -31.10 -14.82 -56.33
N PHE D 214 -31.96 -13.83 -56.59
CA PHE D 214 -33.38 -14.04 -56.78
C PHE D 214 -33.89 -12.99 -57.75
N ASN D 215 -35.00 -13.30 -58.39
CA ASN D 215 -35.68 -12.36 -59.26
C ASN D 215 -36.93 -11.86 -58.54
N ARG D 216 -37.06 -10.56 -58.40
CA ARG D 216 -38.19 -9.97 -57.70
C ARG D 216 -39.52 -10.48 -58.24
N ASN D 217 -39.62 -10.61 -59.56
CA ASN D 217 -40.86 -11.04 -60.19
C ASN D 217 -41.19 -12.52 -60.01
N GLU D 218 -40.36 -13.24 -59.27
CA GLU D 218 -40.61 -14.67 -59.08
C GLU D 218 -40.94 -14.94 -57.62
C1 MAG E . 6.03 3.35 1.49
C2 MAG E . 4.86 2.48 1.95
C3 MAG E . 5.10 1.73 3.26
C4 MAG E . 6.51 1.18 3.33
C5 MAG E . 7.49 2.30 3.00
C6 MAG E . 8.94 1.88 3.17
C7 MAG E . 2.87 3.62 1.14
C8 MAG E . 1.95 4.78 1.39
N2 MAG E . 3.69 3.33 2.14
O1 MAG E . 5.85 3.62 0.11
O3 MAG E . 4.16 0.69 3.43
O4 MAG E . 6.73 0.70 4.64
O5 MAG E . 7.29 2.72 1.67
O6 MAG E . 9.26 0.90 2.20
O7 MAG E . 2.87 3.01 0.09
CM MAG E . 6.66 4.62 -0.50
C1 FUC E . 3.07 1.06 4.31
C2 FUC E . 1.87 0.18 3.99
C3 FUC E . 2.23 -1.27 4.32
C4 FUC E . 2.58 -1.38 5.79
C5 FUC E . 3.66 -0.37 6.15
C6 FUC E . 3.90 -0.34 7.66
O2 FUC E . 1.55 0.34 2.62
O3 FUC E . 1.16 -2.14 4.02
O4 FUC E . 1.44 -1.18 6.59
O5 FUC E . 3.35 0.93 5.69
C1 GAL E . 7.21 -0.66 4.64
C2 GAL E . 7.60 -1.03 6.08
C3 GAL E . 8.02 -2.48 6.18
C4 GAL E . 6.95 -3.35 5.57
C5 GAL E . 6.67 -2.90 4.14
C6 GAL E . 5.60 -3.76 3.47
O2 GAL E . 8.67 -0.23 6.51
O3 GAL E . 8.22 -2.86 7.53
O4 GAL E . 5.79 -3.26 6.38
O5 GAL E . 6.24 -1.55 4.17
O6 GAL E . 5.40 -3.27 2.17
C1 MAG F . -3.03 3.38 -5.34
C2 MAG F . -2.78 2.05 -4.61
C3 MAG F . -3.88 0.99 -4.82
C4 MAG F . -5.26 1.62 -4.91
C5 MAG F . -5.21 2.79 -5.89
C6 MAG F . -6.58 3.39 -6.18
C7 MAG F . -0.40 1.72 -4.28
C8 MAG F . 0.92 1.42 -4.91
N2 MAG F . -1.48 1.54 -5.04
O1 MAG F . -2.25 4.38 -4.74
O3 MAG F . -3.91 0.07 -3.74
O4 MAG F . -6.19 0.68 -5.38
O5 MAG F . -4.38 3.75 -5.28
O6 MAG F . -6.96 4.19 -5.08
O7 MAG F . -0.47 2.12 -3.12
CM MAG F . -1.82 5.50 -5.52
C1 FUC F . -3.21 -1.14 -4.07
C2 FUC F . -2.75 -1.78 -2.76
C3 FUC F . -3.95 -2.28 -1.98
C4 FUC F . -4.74 -3.24 -2.86
C5 FUC F . -5.11 -2.52 -4.15
C6 FUC F . -5.93 -3.44 -5.06
O2 FUC F . -2.04 -0.82 -2.01
O3 FUC F . -3.52 -2.93 -0.80
O4 FUC F . -3.95 -4.38 -3.14
O5 FUC F . -3.96 -2.06 -4.83
C1 GAL F . -7.35 0.61 -4.55
C2 GAL F . -8.42 -0.24 -5.23
C3 GAL F . -9.62 -0.48 -4.32
C4 GAL F . -9.14 -0.95 -2.95
C5 GAL F . -8.11 0.04 -2.40
C6 GAL F . -7.61 -0.32 -1.02
O2 GAL F . -8.88 0.33 -6.44
O3 GAL F . -10.45 -1.44 -4.93
O4 GAL F . -8.52 -2.21 -3.09
O5 GAL F . -7.02 0.04 -3.30
O6 GAL F . -6.68 0.66 -0.59
#